data_5HZ1
#
_entry.id   5HZ1
#
_cell.length_a   183.466
_cell.length_b   183.466
_cell.length_c   87.610
_cell.angle_alpha   90.000
_cell.angle_beta   90.000
_cell.angle_gamma   120.000
#
_symmetry.space_group_name_H-M   'H 3'
#
loop_
_entity.id
_entity.type
_entity.pdbx_description
1 polymer 'Probable LRR receptor-like serine/threonine-protein kinase At4g26540'
2 polymer ASP-PTR-TRP-ARG-ALA-LYS-HIS-HIS-PRO-HYP-LYS-ASN-ASN
3 branched 2-acetamido-2-deoxy-beta-D-glucopyranose-(1-4)-2-acetamido-2-deoxy-beta-D-glucopyranose
4 non-polymer 2-acetamido-2-deoxy-beta-D-glucopyranose
#
loop_
_entity_poly.entity_id
_entity_poly.type
_entity_poly.pdbx_seq_one_letter_code
_entity_poly.pdbx_strand_id
1 'polypeptide(L)'
;CNWTGVKCNRRGEVSEIQLKEKQLQGSLPVTSLRSLKSLTSLTLSSLQLTGVIPKEIGDFTELELLDLSDNSLSGDIPVE
IFRLKKLKTLSLNTNNLEGHIPMEIGNLSGLVELMLFDNKLSGEIPRSIGELKNLQVLRAGGNKNLRGELPWEIGNCENL
VMLGLAETSLSGKLPASIGNLKRVQTIAIYTSLLSGPIPDEIGYCTELQNLYLYQNSISGSIPTTIGGLKKLQSLLLWQN
NLVGKIPTELGNCPELWLIDFSENLLTGTIPRSFGKLENLQELQLSVNQISGTIPEELTNCTKLTHLEIDNNLITGEIPS
LMSNLRSLTMFFAWQNKLTGNIPQSLSQCRELQAIDLSYNSLSGSIPKEIFGLRNLTKLLLLSNDLSGFIPPDIGNCTNL
YRLRLNGNRLAGSIPSEIGNLKNLNFVDISENRLVGSIPPAISGCESLEFLDLHTNSLSGSLLGTTLPKSLKFIDFSDNA
LSSTLPPGIGLLTELTKLNLAKNRLSGEIPREISTCRSLQLLNLGENDFSGEIPDELGQIPSLAISLNLSCNRFVGEIPS
RFSDLKNLGVLDVSHNQLTGNLNVLTDLQNLVSLNISYNDFSGDLPNTPFFRRLPLSDLASNRGLYISNAIST
;
B
2 'polypeptide(L)' D(PTR)WRAKHHP(HZP)KNN A
#
# COMPACT_ATOMS: atom_id res chain seq x y z
N CYS A 1 53.55 -2.65 -16.65
CA CYS A 1 54.53 -2.77 -15.57
C CYS A 1 53.98 -2.25 -14.24
N ASN A 2 54.19 -0.97 -13.96
CA ASN A 2 53.65 -0.33 -12.76
C ASN A 2 52.40 0.56 -12.85
N TRP A 3 51.79 0.72 -14.03
CA TRP A 3 50.77 1.79 -14.21
C TRP A 3 49.47 1.47 -13.42
N THR A 4 48.52 2.40 -13.43
CA THR A 4 47.41 2.38 -12.47
C THR A 4 46.36 1.34 -12.83
N GLY A 5 46.18 0.38 -11.93
CA GLY A 5 45.27 -0.73 -12.17
C GLY A 5 45.98 -2.05 -12.45
N VAL A 6 47.29 -1.99 -12.65
CA VAL A 6 48.05 -3.19 -12.94
C VAL A 6 48.77 -3.68 -11.68
N LYS A 7 48.84 -5.00 -11.55
CA LYS A 7 49.61 -5.60 -10.47
C LYS A 7 50.48 -6.71 -11.07
N CYS A 8 51.64 -6.95 -10.47
CA CYS A 8 52.59 -7.93 -11.01
C CYS A 8 52.99 -8.99 -10.00
N ASN A 9 53.46 -10.13 -10.51
CA ASN A 9 53.94 -11.23 -9.68
C ASN A 9 55.32 -10.93 -9.11
N ARG A 10 55.84 -11.82 -8.26
CA ARG A 10 57.21 -11.65 -7.78
C ARG A 10 58.23 -11.99 -8.86
N ARG A 11 57.86 -12.84 -9.81
CA ARG A 11 58.76 -13.17 -10.92
C ARG A 11 58.66 -12.12 -12.04
N GLY A 12 57.86 -11.08 -11.83
CA GLY A 12 57.82 -9.92 -12.72
C GLY A 12 56.76 -9.89 -13.81
N GLU A 13 55.89 -10.90 -13.83
CA GLU A 13 54.83 -11.00 -14.82
C GLU A 13 53.50 -10.38 -14.34
N VAL A 14 52.77 -9.78 -15.25
CA VAL A 14 51.49 -9.17 -14.90
C VAL A 14 50.53 -10.23 -14.34
N SER A 15 50.13 -10.02 -13.09
CA SER A 15 49.23 -10.94 -12.43
C SER A 15 47.80 -10.44 -12.24
N GLU A 16 47.53 -9.16 -12.50
CA GLU A 16 46.20 -8.61 -12.22
C GLU A 16 45.87 -7.38 -13.05
N ILE A 17 44.58 -7.22 -13.35
CA ILE A 17 44.07 -6.07 -14.06
C ILE A 17 42.76 -5.67 -13.40
N GLN A 18 42.66 -4.40 -13.00
CA GLN A 18 41.45 -3.93 -12.36
C GLN A 18 41.05 -2.56 -12.86
N LEU A 19 39.87 -2.49 -13.48
CA LEU A 19 39.32 -1.21 -13.93
C LEU A 19 37.87 -1.05 -13.47
N LYS A 20 37.62 -0.08 -12.60
CA LYS A 20 36.28 0.15 -12.08
C LYS A 20 35.76 1.58 -12.29
N GLU A 21 34.57 1.67 -12.90
CA GLU A 21 33.86 2.93 -13.14
C GLU A 21 34.64 3.99 -13.91
N LYS A 22 35.05 3.66 -15.13
CA LYS A 22 35.71 4.63 -16.01
C LYS A 22 34.89 5.24 -17.17
N GLN A 23 33.63 4.84 -17.34
CA GLN A 23 32.78 5.40 -18.41
C GLN A 23 33.30 5.21 -19.85
N LEU A 24 33.16 4.00 -20.38
CA LEU A 24 33.69 3.65 -21.70
C LEU A 24 32.58 3.15 -22.62
N GLN A 25 32.99 2.59 -23.77
CA GLN A 25 32.07 1.90 -24.66
C GLN A 25 32.73 0.66 -25.26
N GLY A 26 31.98 -0.08 -26.09
CA GLY A 26 32.55 -1.12 -26.94
C GLY A 26 32.90 -2.47 -26.34
N SER A 27 33.49 -3.33 -27.16
CA SER A 27 33.89 -4.68 -26.78
C SER A 27 35.21 -4.73 -26.06
N LEU A 28 35.76 -5.93 -25.91
CA LEU A 28 37.00 -6.13 -25.16
C LEU A 28 37.81 -7.30 -25.68
N LEU A 36 49.46 -12.05 -22.37
CA LEU A 36 49.84 -12.13 -20.97
C LEU A 36 49.18 -13.33 -20.30
N LYS A 37 49.83 -14.47 -20.40
CA LYS A 37 49.20 -15.74 -20.05
C LYS A 37 49.43 -16.13 -18.59
N SER A 38 50.00 -15.20 -17.82
CA SER A 38 50.21 -15.39 -16.38
C SER A 38 49.10 -14.79 -15.48
N LEU A 39 48.04 -14.28 -16.10
CA LEU A 39 46.97 -13.57 -15.40
C LEU A 39 46.24 -14.38 -14.33
N THR A 40 45.87 -13.69 -13.26
CA THR A 40 45.25 -14.29 -12.09
C THR A 40 43.87 -13.67 -11.79
N SER A 41 43.85 -12.35 -11.59
CA SER A 41 42.60 -11.65 -11.34
C SER A 41 42.30 -10.65 -12.46
N LEU A 42 41.09 -10.71 -13.00
CA LEU A 42 40.69 -9.76 -14.03
C LEU A 42 39.36 -9.09 -13.72
N THR A 43 39.40 -7.80 -13.43
CA THR A 43 38.18 -7.02 -13.21
C THR A 43 38.00 -5.94 -14.25
N LEU A 44 37.00 -6.12 -15.11
CA LEU A 44 36.49 -5.02 -15.92
C LEU A 44 35.05 -4.78 -15.53
N SER A 45 34.80 -3.71 -14.77
CA SER A 45 33.53 -3.55 -14.09
C SER A 45 33.07 -2.10 -14.06
N SER A 46 31.77 -1.90 -14.26
CA SER A 46 31.18 -0.57 -14.26
C SER A 46 31.80 0.33 -15.33
N LEU A 47 32.15 -0.27 -16.46
CA LEU A 47 32.72 0.46 -17.60
C LEU A 47 31.74 0.76 -18.73
N GLN A 48 30.48 0.37 -18.56
CA GLN A 48 29.47 0.52 -19.61
C GLN A 48 29.87 -0.15 -20.93
N LEU A 49 30.56 -1.30 -20.84
CA LEU A 49 30.98 -2.06 -22.01
C LEU A 49 29.81 -2.70 -22.76
N THR A 50 30.02 -3.02 -24.03
CA THR A 50 28.99 -3.70 -24.81
C THR A 50 29.57 -4.84 -25.63
N GLY A 51 28.70 -5.55 -26.33
CA GLY A 51 29.12 -6.71 -27.11
C GLY A 51 29.08 -7.99 -26.29
N VAL A 52 29.49 -9.09 -26.94
CA VAL A 52 29.65 -10.39 -26.28
C VAL A 52 30.93 -10.46 -25.46
N ILE A 53 30.97 -11.40 -24.52
CA ILE A 53 32.19 -11.82 -23.85
C ILE A 53 32.98 -12.68 -24.82
N PRO A 54 34.22 -12.25 -25.14
CA PRO A 54 35.03 -12.99 -26.11
C PRO A 54 35.32 -14.36 -25.54
N LYS A 55 35.30 -15.42 -26.35
CA LYS A 55 35.51 -16.74 -25.76
C LYS A 55 36.98 -17.11 -25.56
N GLU A 56 37.86 -16.16 -25.86
CA GLU A 56 39.28 -16.33 -25.60
C GLU A 56 39.61 -16.17 -24.11
N ILE A 57 38.62 -15.75 -23.34
CA ILE A 57 38.74 -15.67 -21.88
C ILE A 57 39.14 -17.02 -21.31
N GLY A 58 38.64 -18.09 -21.92
CA GLY A 58 38.94 -19.44 -21.46
C GLY A 58 40.39 -19.84 -21.70
N ASP A 59 41.18 -18.94 -22.28
CA ASP A 59 42.62 -19.19 -22.43
C ASP A 59 43.49 -18.80 -21.22
N PHE A 60 42.98 -17.98 -20.31
CA PHE A 60 43.82 -17.54 -19.20
C PHE A 60 43.65 -18.57 -18.11
N THR A 61 44.62 -19.47 -18.00
CA THR A 61 44.41 -20.67 -17.22
C THR A 61 44.58 -20.40 -15.74
N GLU A 62 45.30 -19.32 -15.42
CA GLU A 62 45.60 -19.02 -14.04
C GLU A 62 44.58 -18.08 -13.43
N LEU A 63 43.56 -17.72 -14.20
CA LEU A 63 42.52 -16.82 -13.69
C LEU A 63 41.83 -17.45 -12.48
N GLU A 64 41.87 -16.75 -11.35
CA GLU A 64 41.08 -17.13 -10.18
C GLU A 64 39.89 -16.21 -9.93
N LEU A 65 39.88 -15.07 -10.62
CA LEU A 65 38.81 -14.09 -10.49
C LEU A 65 38.49 -13.44 -11.82
N LEU A 66 37.23 -13.49 -12.21
CA LEU A 66 36.74 -12.80 -13.37
C LEU A 66 35.53 -11.98 -12.94
N ASP A 67 35.66 -10.66 -12.97
CA ASP A 67 34.52 -9.82 -12.64
C ASP A 67 34.25 -8.94 -13.84
N LEU A 68 33.15 -9.28 -14.52
CA LEU A 68 32.60 -8.51 -15.61
C LEU A 68 31.36 -7.70 -15.23
N SER A 69 31.06 -7.66 -13.93
CA SER A 69 29.78 -7.13 -13.47
C SER A 69 29.55 -5.64 -13.75
N ASP A 70 28.29 -5.24 -13.69
CA ASP A 70 27.85 -3.86 -13.91
C ASP A 70 28.28 -3.30 -15.27
N ASN A 71 28.02 -4.07 -16.31
CA ASN A 71 28.24 -3.61 -17.67
C ASN A 71 26.97 -3.78 -18.48
N SER A 72 27.08 -3.49 -19.77
CA SER A 72 25.99 -3.75 -20.72
C SER A 72 26.13 -5.02 -21.57
N LEU A 73 27.09 -5.89 -21.24
CA LEU A 73 27.37 -7.09 -22.05
C LEU A 73 26.16 -7.94 -22.42
N SER A 74 26.16 -8.43 -23.66
CA SER A 74 25.06 -9.24 -24.19
C SER A 74 25.57 -10.58 -24.73
N GLY A 75 24.68 -11.36 -25.32
CA GLY A 75 25.02 -12.69 -25.84
C GLY A 75 25.05 -13.78 -24.79
N ASP A 76 25.56 -14.95 -25.18
CA ASP A 76 25.73 -16.10 -24.28
C ASP A 76 26.88 -15.97 -23.28
N ILE A 77 26.82 -16.77 -22.22
CA ILE A 77 27.98 -16.97 -21.38
C ILE A 77 28.74 -18.11 -22.05
N PRO A 78 29.86 -17.77 -22.70
CA PRO A 78 30.58 -18.76 -23.50
C PRO A 78 30.97 -19.98 -22.66
N VAL A 79 30.85 -21.15 -23.25
CA VAL A 79 31.15 -22.42 -22.60
C VAL A 79 32.64 -22.50 -22.24
N GLU A 80 33.45 -21.84 -23.07
CA GLU A 80 34.90 -21.77 -22.89
C GLU A 80 35.32 -21.12 -21.55
N ILE A 81 34.48 -20.25 -21.02
CA ILE A 81 34.72 -19.66 -19.70
C ILE A 81 34.91 -20.75 -18.64
N PHE A 82 34.28 -21.91 -18.85
CA PHE A 82 34.36 -23.02 -17.89
C PHE A 82 35.56 -23.93 -18.12
N ARG A 83 36.44 -23.50 -19.02
CA ARG A 83 37.74 -24.13 -19.15
C ARG A 83 38.70 -23.65 -18.05
N LEU A 84 38.30 -22.65 -17.27
CA LEU A 84 39.25 -22.06 -16.32
C LEU A 84 39.13 -22.82 -15.02
N LYS A 85 40.05 -23.74 -14.79
CA LYS A 85 39.85 -24.76 -13.78
C LYS A 85 40.15 -24.23 -12.38
N LYS A 86 40.86 -23.11 -12.32
CA LYS A 86 41.27 -22.50 -11.05
C LYS A 86 40.37 -21.35 -10.62
N LEU A 87 39.29 -21.13 -11.34
CA LEU A 87 38.41 -20.01 -11.03
C LEU A 87 37.72 -20.20 -9.69
N LYS A 88 37.69 -19.13 -8.90
CA LYS A 88 37.10 -19.10 -7.55
C LYS A 88 35.91 -18.13 -7.46
N THR A 89 36.11 -16.91 -7.91
CA THR A 89 34.99 -15.98 -8.11
C THR A 89 34.63 -15.86 -9.59
N LEU A 90 33.36 -16.04 -9.90
CA LEU A 90 32.85 -15.67 -11.22
C LEU A 90 31.72 -14.67 -11.04
N SER A 91 31.97 -13.41 -11.43
CA SER A 91 30.98 -12.36 -11.25
C SER A 91 30.54 -11.83 -12.62
N LEU A 92 29.40 -12.30 -13.09
CA LEU A 92 28.81 -11.81 -14.34
C LEU A 92 27.56 -10.95 -14.21
N ASN A 93 27.17 -10.64 -12.98
CA ASN A 93 25.87 -10.02 -12.69
C ASN A 93 25.70 -8.62 -13.32
N THR A 94 24.45 -8.19 -13.45
CA THR A 94 24.10 -6.87 -13.97
C THR A 94 24.61 -6.62 -15.38
N ASN A 95 24.08 -7.40 -16.30
CA ASN A 95 24.39 -7.26 -17.71
C ASN A 95 23.12 -7.60 -18.48
N ASN A 96 23.27 -7.73 -19.79
CA ASN A 96 22.20 -8.21 -20.67
C ASN A 96 22.29 -9.68 -21.06
N LEU A 97 23.16 -10.42 -20.38
CA LEU A 97 23.49 -11.79 -20.77
C LEU A 97 22.28 -12.73 -20.98
N GLU A 98 22.25 -13.39 -22.13
CA GLU A 98 21.14 -14.30 -22.47
C GLU A 98 21.62 -15.74 -22.64
N GLY A 99 20.69 -16.66 -22.87
CA GLY A 99 21.03 -18.07 -22.99
C GLY A 99 20.82 -18.95 -21.76
N HIS A 100 21.20 -20.21 -21.87
CA HIS A 100 21.24 -21.13 -20.74
C HIS A 100 22.52 -20.98 -19.92
N ILE A 101 22.46 -21.37 -18.65
CA ILE A 101 23.68 -21.62 -17.92
C ILE A 101 24.14 -23.00 -18.35
N PRO A 102 25.29 -23.07 -19.03
CA PRO A 102 25.84 -24.30 -19.62
C PRO A 102 26.06 -25.39 -18.55
N MET A 103 25.93 -26.68 -18.90
CA MET A 103 26.21 -27.77 -17.95
C MET A 103 27.67 -27.78 -17.53
N GLU A 104 28.55 -27.33 -18.42
CA GLU A 104 29.98 -27.43 -18.18
C GLU A 104 30.38 -26.61 -16.96
N ILE A 105 29.42 -25.86 -16.41
CA ILE A 105 29.70 -25.08 -15.21
C ILE A 105 30.14 -25.98 -14.08
N GLY A 106 29.66 -27.22 -14.08
CA GLY A 106 30.07 -28.17 -13.05
C GLY A 106 31.56 -28.50 -13.12
N ASN A 107 32.23 -28.02 -14.16
CA ASN A 107 33.66 -28.27 -14.30
C ASN A 107 34.53 -27.37 -13.44
N LEU A 108 34.00 -26.23 -12.97
CA LEU A 108 34.88 -25.32 -12.28
C LEU A 108 34.90 -25.81 -10.86
N SER A 109 35.94 -26.57 -10.56
CA SER A 109 35.92 -27.47 -9.42
C SER A 109 36.02 -26.66 -8.14
N GLY A 110 36.69 -25.52 -8.20
CA GLY A 110 36.95 -24.71 -7.02
C GLY A 110 36.19 -23.39 -6.93
N LEU A 111 35.16 -23.24 -7.75
CA LEU A 111 34.28 -22.07 -7.64
C LEU A 111 33.71 -21.89 -6.23
N VAL A 112 33.82 -20.66 -5.73
CA VAL A 112 33.27 -20.28 -4.44
C VAL A 112 32.13 -19.28 -4.63
N GLU A 113 32.42 -18.17 -5.30
CA GLU A 113 31.41 -17.16 -5.60
C GLU A 113 30.87 -17.25 -7.02
N LEU A 114 29.56 -17.32 -7.15
CA LEU A 114 28.94 -17.31 -8.48
C LEU A 114 27.81 -16.30 -8.54
N MET A 115 28.03 -15.19 -9.27
CA MET A 115 27.04 -14.13 -9.36
C MET A 115 26.50 -13.98 -10.78
N LEU A 116 25.30 -14.49 -11.01
CA LEU A 116 24.63 -14.31 -12.31
C LEU A 116 23.48 -13.31 -12.31
N PHE A 117 23.21 -12.69 -11.17
CA PHE A 117 21.95 -11.98 -11.00
C PHE A 117 21.75 -10.75 -11.91
N ASP A 118 20.49 -10.40 -12.14
CA ASP A 118 20.11 -9.27 -13.00
C ASP A 118 20.68 -9.40 -14.42
N ASN A 119 20.17 -10.38 -15.14
CA ASN A 119 20.53 -10.58 -16.53
C ASN A 119 19.28 -10.95 -17.32
N LYS A 120 19.49 -11.40 -18.55
CA LYS A 120 18.43 -11.94 -19.40
C LYS A 120 18.38 -13.47 -19.49
N LEU A 121 19.03 -14.16 -18.55
CA LEU A 121 19.18 -15.62 -18.64
C LEU A 121 17.86 -16.42 -18.72
N SER A 122 17.96 -17.64 -19.27
CA SER A 122 16.82 -18.54 -19.44
C SER A 122 17.20 -20.01 -19.26
N GLY A 123 16.29 -20.90 -19.63
CA GLY A 123 16.49 -22.33 -19.46
C GLY A 123 16.42 -22.79 -18.01
N GLU A 124 16.97 -23.97 -17.73
CA GLU A 124 16.97 -24.47 -16.38
C GLU A 124 18.32 -24.30 -15.70
N ILE A 125 18.34 -24.61 -14.41
CA ILE A 125 19.59 -24.65 -13.69
C ILE A 125 20.13 -26.06 -13.87
N PRO A 126 21.37 -26.15 -14.34
CA PRO A 126 21.99 -27.44 -14.68
C PRO A 126 22.04 -28.35 -13.47
N ARG A 127 21.82 -29.65 -13.65
CA ARG A 127 22.01 -30.64 -12.58
C ARG A 127 23.48 -30.66 -12.16
N SER A 128 24.34 -30.07 -12.99
CA SER A 128 25.77 -30.00 -12.74
C SER A 128 26.19 -29.21 -11.49
N ILE A 129 25.35 -28.29 -11.00
CA ILE A 129 25.76 -27.45 -9.88
C ILE A 129 26.15 -28.28 -8.68
N GLY A 130 25.58 -29.49 -8.60
CA GLY A 130 25.89 -30.41 -7.53
C GLY A 130 27.37 -30.76 -7.43
N GLU A 131 28.10 -30.61 -8.52
CA GLU A 131 29.51 -30.96 -8.52
C GLU A 131 30.34 -29.92 -7.83
N LEU A 132 29.82 -28.72 -7.66
CA LEU A 132 30.66 -27.66 -7.15
C LEU A 132 30.57 -27.71 -5.64
N LYS A 133 31.59 -28.27 -5.01
CA LYS A 133 31.52 -28.57 -3.60
C LYS A 133 32.16 -27.53 -2.71
N ASN A 134 32.81 -26.55 -3.31
CA ASN A 134 33.29 -25.38 -2.58
C ASN A 134 32.36 -24.19 -2.72
N LEU A 135 31.29 -24.36 -3.48
CA LEU A 135 30.38 -23.25 -3.74
C LEU A 135 29.78 -22.75 -2.43
N GLN A 136 29.91 -21.45 -2.22
CA GLN A 136 29.44 -20.79 -1.03
C GLN A 136 28.19 -19.98 -1.32
N VAL A 137 28.30 -19.12 -2.33
CA VAL A 137 27.25 -18.20 -2.75
C VAL A 137 26.83 -18.42 -4.22
N LEU A 138 25.55 -18.72 -4.43
CA LEU A 138 24.98 -18.77 -5.77
C LEU A 138 23.86 -17.75 -5.80
N ARG A 139 24.03 -16.69 -6.59
CA ARG A 139 22.92 -15.75 -6.78
C ARG A 139 22.64 -15.52 -8.27
N ALA A 140 21.56 -16.16 -8.71
CA ALA A 140 21.04 -16.08 -10.08
C ALA A 140 19.73 -15.31 -10.20
N GLY A 141 19.29 -14.69 -9.12
CA GLY A 141 18.01 -14.02 -9.13
C GLY A 141 17.89 -12.92 -10.16
N GLY A 142 16.68 -12.42 -10.35
CA GLY A 142 16.46 -11.34 -11.29
C GLY A 142 16.72 -11.77 -12.73
N ASN A 143 16.49 -13.04 -13.02
CA ASN A 143 16.37 -13.46 -14.41
C ASN A 143 14.96 -13.96 -14.66
N LYS A 144 14.15 -13.17 -15.35
CA LYS A 144 12.72 -13.45 -15.47
C LYS A 144 12.42 -14.82 -16.06
N ASN A 145 13.25 -15.27 -16.98
CA ASN A 145 13.03 -16.54 -17.67
C ASN A 145 13.78 -17.77 -17.20
N LEU A 146 14.53 -17.63 -16.11
CA LEU A 146 15.20 -18.77 -15.50
C LEU A 146 14.07 -19.63 -14.96
N ARG A 147 14.00 -20.88 -15.42
CA ARG A 147 12.80 -21.70 -15.17
C ARG A 147 13.15 -23.11 -14.72
N GLY A 148 12.12 -23.93 -14.57
CA GLY A 148 12.29 -25.27 -14.08
C GLY A 148 12.38 -25.38 -12.58
N GLU A 149 12.54 -26.59 -12.09
CA GLU A 149 12.63 -26.85 -10.67
C GLU A 149 14.05 -26.60 -10.21
N LEU A 150 14.21 -26.22 -8.95
CA LEU A 150 15.56 -26.16 -8.39
C LEU A 150 16.00 -27.62 -8.42
N PRO A 151 17.16 -27.91 -9.02
CA PRO A 151 17.60 -29.29 -9.11
C PRO A 151 17.90 -29.96 -7.76
N TRP A 152 17.51 -31.23 -7.65
CA TRP A 152 17.86 -32.11 -6.53
C TRP A 152 19.35 -32.05 -6.17
N GLU A 153 20.20 -32.04 -7.20
CA GLU A 153 21.64 -32.00 -7.00
C GLU A 153 22.13 -30.78 -6.20
N ILE A 154 21.30 -29.76 -6.05
CA ILE A 154 21.71 -28.61 -5.23
C ILE A 154 22.04 -29.07 -3.81
N GLY A 155 21.51 -30.21 -3.40
CA GLY A 155 21.81 -30.72 -2.07
C GLY A 155 23.28 -31.07 -1.89
N ASN A 156 24.00 -31.24 -3.00
CA ASN A 156 25.39 -31.67 -2.92
C ASN A 156 26.36 -30.51 -2.75
N CYS A 157 25.87 -29.27 -2.80
CA CYS A 157 26.80 -28.19 -2.54
C CYS A 157 26.72 -27.92 -1.04
N GLU A 158 27.64 -28.50 -0.29
CA GLU A 158 27.46 -28.56 1.17
C GLU A 158 28.12 -27.41 1.89
N ASN A 159 28.81 -26.57 1.14
CA ASN A 159 29.34 -25.33 1.68
C ASN A 159 28.43 -24.13 1.41
N LEU A 160 27.29 -24.33 0.77
CA LEU A 160 26.44 -23.20 0.38
C LEU A 160 26.02 -22.41 1.61
N VAL A 161 26.31 -21.14 1.62
CA VAL A 161 25.80 -20.31 2.69
C VAL A 161 24.66 -19.39 2.25
N MET A 162 24.59 -19.14 0.94
CA MET A 162 23.64 -18.18 0.39
C MET A 162 23.11 -18.70 -0.94
N LEU A 163 21.80 -18.77 -1.07
CA LEU A 163 21.17 -19.16 -2.33
C LEU A 163 20.07 -18.16 -2.64
N GLY A 164 20.22 -17.42 -3.73
CA GLY A 164 19.02 -16.75 -4.16
C GLY A 164 18.80 -16.67 -5.64
N LEU A 165 17.55 -17.08 -5.89
CA LEU A 165 16.88 -17.24 -7.15
C LEU A 165 15.70 -16.31 -7.36
N ALA A 166 15.63 -15.22 -6.59
CA ALA A 166 14.43 -14.39 -6.55
C ALA A 166 14.06 -13.74 -7.87
N GLU A 167 12.77 -13.38 -8.04
CA GLU A 167 12.27 -12.84 -9.30
C GLU A 167 12.70 -13.67 -10.51
N THR A 168 12.44 -14.97 -10.45
CA THR A 168 12.69 -15.85 -11.57
C THR A 168 11.42 -16.64 -11.84
N SER A 169 11.47 -17.52 -12.83
CA SER A 169 10.36 -18.42 -13.14
C SER A 169 10.52 -19.80 -12.53
N LEU A 170 11.49 -19.94 -11.64
CA LEU A 170 11.73 -21.17 -10.91
C LEU A 170 10.40 -21.65 -10.34
N SER A 171 10.14 -22.94 -10.49
CA SER A 171 8.80 -23.45 -10.22
C SER A 171 8.83 -24.79 -9.51
N GLY A 172 7.65 -25.38 -9.38
CA GLY A 172 7.54 -26.67 -8.70
C GLY A 172 7.84 -26.54 -7.22
N LYS A 173 8.21 -27.65 -6.61
CA LYS A 173 8.46 -27.70 -5.20
C LYS A 173 9.95 -27.78 -4.91
N LEU A 174 10.36 -27.17 -3.80
CA LEU A 174 11.75 -27.26 -3.34
C LEU A 174 12.05 -28.69 -2.96
N PRO A 175 13.19 -29.21 -3.44
CA PRO A 175 13.49 -30.63 -3.23
C PRO A 175 13.93 -30.93 -1.79
N ALA A 176 13.59 -32.12 -1.30
CA ALA A 176 13.99 -32.58 0.01
C ALA A 176 15.51 -32.50 0.18
N SER A 177 16.22 -32.56 -0.94
CA SER A 177 17.67 -32.38 -0.99
C SER A 177 18.14 -31.15 -0.22
N ILE A 178 17.34 -30.10 -0.24
CA ILE A 178 17.66 -28.85 0.42
C ILE A 178 18.06 -29.11 1.89
N GLY A 179 17.55 -30.18 2.49
CA GLY A 179 17.87 -30.52 3.88
C GLY A 179 19.32 -30.93 4.12
N ASN A 180 20.06 -31.11 3.05
CA ASN A 180 21.46 -31.48 3.15
C ASN A 180 22.37 -30.27 3.20
N LEU A 181 21.82 -29.07 3.04
CA LEU A 181 22.67 -27.92 3.10
C LEU A 181 22.68 -27.54 4.56
N LYS A 182 23.74 -27.94 5.25
CA LYS A 182 23.82 -27.80 6.69
C LYS A 182 24.49 -26.50 7.04
N ARG A 183 25.10 -25.87 6.04
CA ARG A 183 25.70 -24.55 6.28
C ARG A 183 24.91 -23.37 5.76
N VAL A 184 23.75 -23.57 5.11
CA VAL A 184 23.06 -22.47 4.44
C VAL A 184 22.40 -21.47 5.40
N GLN A 185 22.50 -20.19 5.11
CA GLN A 185 22.12 -19.15 6.05
C GLN A 185 20.93 -18.35 5.58
N THR A 186 21.07 -17.80 4.38
CA THR A 186 19.94 -17.22 3.66
C THR A 186 19.47 -18.05 2.46
N ILE A 187 18.17 -18.33 2.44
CA ILE A 187 17.53 -18.83 1.23
C ILE A 187 16.55 -17.78 0.69
N ALA A 188 16.88 -17.17 -0.45
CA ALA A 188 16.00 -16.16 -1.00
C ALA A 188 15.44 -16.58 -2.36
N ILE A 189 14.19 -17.05 -2.36
CA ILE A 189 13.53 -17.28 -3.64
C ILE A 189 12.12 -16.70 -3.52
N TYR A 190 11.96 -15.46 -3.97
CA TYR A 190 10.71 -14.76 -3.77
C TYR A 190 10.27 -14.06 -5.05
N THR A 191 8.98 -13.83 -5.19
CA THR A 191 8.41 -13.32 -6.43
C THR A 191 8.81 -14.24 -7.57
N SER A 192 8.48 -15.51 -7.39
CA SER A 192 8.76 -16.54 -8.38
C SER A 192 7.50 -17.38 -8.69
N LEU A 193 7.73 -18.51 -9.35
CA LEU A 193 6.67 -19.47 -9.68
C LEU A 193 6.54 -20.70 -8.76
N LEU A 194 7.23 -20.72 -7.63
CA LEU A 194 7.18 -21.89 -6.72
C LEU A 194 5.77 -22.32 -6.32
N SER A 195 5.51 -23.63 -6.36
CA SER A 195 4.25 -24.19 -5.90
C SER A 195 4.49 -25.51 -5.17
N GLY A 196 3.43 -26.11 -4.64
CA GLY A 196 3.60 -27.29 -3.80
C GLY A 196 4.10 -26.90 -2.42
N PRO A 197 4.24 -27.89 -1.55
CA PRO A 197 4.64 -27.62 -0.16
C PRO A 197 6.13 -27.37 0.10
N ILE A 198 6.42 -26.60 1.16
CA ILE A 198 7.76 -26.46 1.71
C ILE A 198 8.15 -27.82 2.26
N PRO A 199 9.32 -28.35 1.84
CA PRO A 199 9.61 -29.69 2.34
C PRO A 199 9.96 -29.67 3.82
N ASP A 200 9.44 -30.64 4.57
CA ASP A 200 9.79 -30.81 5.97
C ASP A 200 11.30 -30.87 6.18
N GLU A 201 12.02 -31.43 5.21
CA GLU A 201 13.47 -31.56 5.32
C GLU A 201 14.18 -30.25 5.56
N ILE A 202 13.50 -29.13 5.32
CA ILE A 202 14.10 -27.83 5.55
C ILE A 202 14.52 -27.65 7.02
N GLY A 203 13.87 -28.39 7.92
CA GLY A 203 14.22 -28.29 9.33
C GLY A 203 15.62 -28.84 9.62
N TYR A 204 16.17 -29.57 8.65
CA TYR A 204 17.55 -30.04 8.73
C TYR A 204 18.59 -28.96 8.43
N CYS A 205 18.17 -27.75 8.05
CA CYS A 205 19.18 -26.76 7.73
C CYS A 205 19.49 -26.00 8.99
N THR A 206 20.56 -26.43 9.66
CA THR A 206 20.71 -26.12 11.08
C THR A 206 21.17 -24.68 11.27
N GLU A 207 21.82 -24.14 10.25
CA GLU A 207 22.32 -22.77 10.27
C GLU A 207 21.40 -21.73 9.63
N LEU A 208 20.22 -22.13 9.14
CA LEU A 208 19.30 -21.20 8.48
C LEU A 208 18.88 -20.00 9.35
N GLN A 209 18.96 -18.81 8.77
CA GLN A 209 18.76 -17.55 9.48
C GLN A 209 17.62 -16.79 8.84
N ASN A 210 17.75 -16.59 7.53
CA ASN A 210 16.75 -15.92 6.72
C ASN A 210 16.13 -16.83 5.67
N LEU A 211 14.81 -17.00 5.74
CA LEU A 211 14.10 -17.80 4.73
C LEU A 211 13.06 -16.93 4.06
N TYR A 212 13.27 -16.60 2.79
CA TYR A 212 12.35 -15.75 2.05
C TYR A 212 11.73 -16.48 0.87
N LEU A 213 10.49 -16.92 1.05
CA LEU A 213 9.68 -17.58 0.03
C LEU A 213 8.43 -16.80 -0.50
N TYR A 214 8.32 -15.52 -0.17
CA TYR A 214 7.09 -14.77 -0.44
C TYR A 214 6.72 -14.59 -1.94
N GLN A 215 5.44 -14.33 -2.22
CA GLN A 215 4.95 -14.17 -3.61
C GLN A 215 5.26 -15.35 -4.54
N ASN A 216 4.80 -16.52 -4.12
CA ASN A 216 4.80 -17.73 -4.93
C ASN A 216 3.40 -18.35 -4.86
N SER A 217 3.25 -19.56 -5.35
CA SER A 217 2.04 -20.36 -5.14
C SER A 217 2.12 -21.46 -4.09
N ILE A 218 3.12 -21.39 -3.22
CA ILE A 218 3.38 -22.44 -2.23
C ILE A 218 2.13 -22.85 -1.45
N SER A 219 1.93 -24.16 -1.37
CA SER A 219 0.72 -24.74 -0.80
C SER A 219 1.06 -25.63 0.37
N GLY A 220 0.07 -26.30 0.95
CA GLY A 220 0.31 -27.10 2.12
C GLY A 220 0.41 -26.22 3.36
N SER A 221 0.94 -26.80 4.44
CA SER A 221 1.08 -26.11 5.70
C SER A 221 2.55 -25.82 6.05
N ILE A 222 2.78 -24.79 6.84
CA ILE A 222 4.12 -24.48 7.32
C ILE A 222 4.61 -25.65 8.13
N PRO A 223 5.71 -26.29 7.71
CA PRO A 223 6.14 -27.49 8.40
C PRO A 223 6.53 -27.22 9.84
N THR A 224 6.18 -28.15 10.71
CA THR A 224 6.47 -28.08 12.13
C THR A 224 8.00 -28.03 12.38
N THR A 225 8.74 -28.74 11.53
CA THR A 225 10.18 -28.91 11.64
C THR A 225 10.91 -27.58 11.70
N ILE A 226 10.26 -26.52 11.23
CA ILE A 226 10.87 -25.20 11.24
C ILE A 226 11.17 -24.70 12.65
N GLY A 227 10.49 -25.26 13.65
CA GLY A 227 10.75 -24.91 15.04
C GLY A 227 12.10 -25.38 15.55
N GLY A 228 12.69 -26.34 14.87
CA GLY A 228 13.97 -26.86 15.32
C GLY A 228 15.12 -26.07 14.72
N LEU A 229 14.84 -24.97 14.02
CA LEU A 229 15.91 -24.16 13.46
C LEU A 229 16.26 -23.07 14.47
N LYS A 230 17.35 -23.23 15.20
CA LYS A 230 17.64 -22.35 16.35
C LYS A 230 18.27 -21.00 15.95
N LYS A 231 18.81 -20.90 14.74
CA LYS A 231 19.44 -19.67 14.32
C LYS A 231 18.49 -18.79 13.50
N LEU A 232 17.22 -19.20 13.37
CA LEU A 232 16.28 -18.48 12.50
C LEU A 232 15.95 -17.07 13.03
N GLN A 233 16.05 -16.10 12.13
CA GLN A 233 15.87 -14.70 12.47
C GLN A 233 14.67 -14.12 11.73
N SER A 234 14.68 -14.27 10.40
CA SER A 234 13.63 -13.69 9.59
C SER A 234 12.96 -14.74 8.73
N LEU A 235 11.64 -14.72 8.74
CA LEU A 235 10.82 -15.67 7.98
C LEU A 235 9.78 -14.88 7.17
N LEU A 236 9.95 -14.85 5.84
CA LEU A 236 8.95 -14.20 5.02
C LEU A 236 8.27 -15.21 4.12
N LEU A 237 7.05 -15.55 4.41
CA LEU A 237 6.26 -16.45 3.60
C LEU A 237 5.01 -15.79 3.11
N TRP A 238 4.97 -14.47 3.10
CA TRP A 238 3.78 -13.78 2.70
C TRP A 238 3.41 -13.92 1.24
N GLN A 239 2.11 -13.88 0.99
CA GLN A 239 1.51 -14.05 -0.32
C GLN A 239 1.72 -15.36 -1.09
N ASN A 240 1.29 -16.42 -0.47
CA ASN A 240 1.23 -17.76 -0.98
C ASN A 240 -0.16 -18.37 -0.80
N ASN A 241 -0.27 -19.68 -0.90
CA ASN A 241 -1.47 -20.47 -0.65
C ASN A 241 -1.48 -21.26 0.64
N LEU A 242 -0.58 -20.92 1.56
CA LEU A 242 -0.40 -21.70 2.78
C LEU A 242 -1.66 -21.95 3.61
N VAL A 243 -1.76 -23.16 4.14
CA VAL A 243 -2.98 -23.69 4.69
C VAL A 243 -2.65 -24.30 6.06
N GLY A 244 -3.65 -24.53 6.91
CA GLY A 244 -3.42 -25.16 8.19
C GLY A 244 -3.08 -24.17 9.30
N LYS A 245 -2.63 -24.67 10.45
CA LYS A 245 -2.34 -23.82 11.60
C LYS A 245 -0.87 -23.41 11.68
N ILE A 246 -0.63 -22.21 12.22
CA ILE A 246 0.72 -21.80 12.57
C ILE A 246 1.34 -22.74 13.60
N PRO A 247 2.50 -23.31 13.26
CA PRO A 247 3.12 -24.28 14.17
C PRO A 247 3.52 -23.64 15.51
N THR A 248 3.10 -24.27 16.58
CA THR A 248 3.47 -23.88 17.92
C THR A 248 4.99 -23.82 18.09
N GLU A 249 5.68 -24.72 17.38
CA GLU A 249 7.11 -24.84 17.57
C GLU A 249 7.92 -23.63 17.09
N LEU A 250 7.29 -22.73 16.33
CA LEU A 250 7.93 -21.47 15.95
C LEU A 250 8.35 -20.68 17.18
N GLY A 251 7.59 -20.84 18.27
CA GLY A 251 7.97 -20.17 19.49
C GLY A 251 9.25 -20.72 20.13
N ASN A 252 9.90 -21.69 19.49
CA ASN A 252 11.18 -22.23 19.98
C ASN A 252 12.43 -21.67 19.32
N CYS A 253 12.27 -20.73 18.38
CA CYS A 253 13.42 -20.07 17.79
C CYS A 253 13.76 -18.77 18.54
N PRO A 254 14.78 -18.82 19.39
CA PRO A 254 15.05 -17.67 20.26
C PRO A 254 15.41 -16.41 19.49
N GLU A 255 15.96 -16.57 18.29
CA GLU A 255 16.56 -15.44 17.60
C GLU A 255 15.62 -14.77 16.60
N LEU A 256 14.36 -15.20 16.58
CA LEU A 256 13.46 -14.80 15.51
C LEU A 256 12.94 -13.40 15.77
N TRP A 257 13.28 -12.46 14.89
CA TRP A 257 12.77 -11.10 15.05
C TRP A 257 11.70 -10.63 14.07
N LEU A 258 11.48 -11.37 12.98
CA LEU A 258 10.50 -10.99 11.96
C LEU A 258 9.73 -12.21 11.44
N ILE A 259 8.40 -12.16 11.54
CA ILE A 259 7.53 -13.22 11.01
C ILE A 259 6.45 -12.62 10.10
N ASP A 260 6.52 -12.88 8.81
CA ASP A 260 5.47 -12.39 7.93
C ASP A 260 4.80 -13.54 7.17
N PHE A 261 3.59 -13.86 7.62
CA PHE A 261 2.69 -14.84 6.99
C PHE A 261 1.51 -14.21 6.25
N SER A 262 1.53 -12.90 6.08
CA SER A 262 0.39 -12.20 5.50
C SER A 262 -0.11 -12.80 4.17
N GLU A 263 -1.42 -12.68 3.93
CA GLU A 263 -2.04 -13.09 2.66
C GLU A 263 -1.82 -14.55 2.30
N ASN A 264 -2.25 -15.40 3.23
CA ASN A 264 -2.28 -16.84 3.03
C ASN A 264 -3.68 -17.35 3.41
N LEU A 265 -3.81 -18.67 3.50
CA LEU A 265 -5.05 -19.33 3.93
C LEU A 265 -5.02 -19.87 5.38
N LEU A 266 -4.05 -19.45 6.17
CA LEU A 266 -3.91 -19.98 7.54
C LEU A 266 -5.15 -19.93 8.42
N THR A 267 -5.35 -21.01 9.18
CA THR A 267 -6.38 -21.09 10.20
C THR A 267 -5.77 -21.46 11.54
N GLY A 268 -6.63 -21.75 12.51
CA GLY A 268 -6.20 -22.01 13.87
C GLY A 268 -6.07 -20.70 14.61
N THR A 269 -5.18 -20.71 15.58
CA THR A 269 -5.11 -19.68 16.59
C THR A 269 -3.69 -19.03 16.60
N ILE A 270 -3.58 -17.81 17.10
CA ILE A 270 -2.24 -17.25 17.30
C ILE A 270 -1.64 -17.98 18.51
N PRO A 271 -0.55 -18.74 18.29
CA PRO A 271 -0.11 -19.64 19.35
C PRO A 271 0.53 -18.95 20.56
N ARG A 272 0.24 -19.49 21.73
CA ARG A 272 0.72 -18.97 23.00
C ARG A 272 2.25 -18.98 23.11
N SER A 273 2.88 -19.95 22.47
CA SER A 273 4.32 -20.12 22.53
C SER A 273 5.05 -18.87 22.08
N PHE A 274 4.39 -18.06 21.25
CA PHE A 274 4.97 -16.80 20.80
C PHE A 274 5.48 -15.91 21.95
N GLY A 275 4.88 -16.04 23.13
CA GLY A 275 5.40 -15.32 24.30
C GLY A 275 6.88 -15.55 24.60
N LYS A 276 7.39 -16.71 24.22
CA LYS A 276 8.78 -17.06 24.46
C LYS A 276 9.73 -16.37 23.49
N LEU A 277 9.22 -15.64 22.51
CA LEU A 277 10.12 -15.03 21.54
C LEU A 277 10.50 -13.65 22.01
N GLU A 278 11.71 -13.54 22.56
CA GLU A 278 12.10 -12.33 23.26
C GLU A 278 12.73 -11.35 22.31
N ASN A 279 13.03 -11.83 21.10
CA ASN A 279 13.55 -10.95 20.08
C ASN A 279 12.54 -10.52 19.02
N LEU A 280 11.28 -10.90 19.16
CA LEU A 280 10.34 -10.62 18.07
C LEU A 280 10.06 -9.13 17.98
N GLN A 281 10.40 -8.51 16.86
CA GLN A 281 10.04 -7.10 16.68
C GLN A 281 8.85 -6.83 15.79
N GLU A 282 8.56 -7.78 14.91
CA GLU A 282 7.55 -7.59 13.87
C GLU A 282 6.77 -8.88 13.60
N LEU A 283 5.47 -8.80 13.81
CA LEU A 283 4.56 -9.92 13.51
C LEU A 283 3.48 -9.48 12.51
N GLN A 284 3.54 -9.98 11.29
CA GLN A 284 2.49 -9.73 10.29
C GLN A 284 1.76 -11.00 9.91
N LEU A 285 0.53 -11.10 10.40
CA LEU A 285 -0.45 -12.14 10.05
C LEU A 285 -1.59 -11.67 9.14
N SER A 286 -1.50 -10.46 8.62
CA SER A 286 -2.61 -9.86 7.86
C SER A 286 -3.20 -10.72 6.73
N VAL A 287 -4.51 -10.63 6.53
CA VAL A 287 -5.23 -11.36 5.46
C VAL A 287 -5.06 -12.88 5.54
N ASN A 288 -5.67 -13.47 6.55
CA ASN A 288 -5.74 -14.90 6.72
C ASN A 288 -7.09 -15.24 7.36
N GLN A 289 -7.20 -16.48 7.79
CA GLN A 289 -8.37 -17.00 8.50
C GLN A 289 -8.20 -17.29 9.97
N ILE A 290 -7.19 -16.70 10.59
CA ILE A 290 -6.88 -16.95 11.99
C ILE A 290 -8.04 -16.67 12.96
N SER A 291 -8.42 -17.70 13.72
CA SER A 291 -9.48 -17.58 14.72
C SER A 291 -8.88 -17.41 16.11
N GLY A 292 -9.73 -17.49 17.13
CA GLY A 292 -9.29 -17.41 18.51
C GLY A 292 -9.16 -15.97 18.97
N THR A 293 -8.56 -15.78 20.13
CA THR A 293 -8.30 -14.45 20.68
C THR A 293 -6.79 -14.18 20.75
N ILE A 294 -6.41 -12.90 20.77
CA ILE A 294 -5.00 -12.53 20.93
C ILE A 294 -4.50 -13.04 22.28
N PRO A 295 -3.56 -13.99 22.26
CA PRO A 295 -3.18 -14.56 23.55
C PRO A 295 -2.42 -13.56 24.41
N GLU A 296 -2.75 -13.48 25.70
CA GLU A 296 -2.04 -12.60 26.61
C GLU A 296 -0.53 -12.80 26.64
N GLU A 297 -0.07 -14.04 26.44
CA GLU A 297 1.38 -14.26 26.44
C GLU A 297 2.13 -13.49 25.34
N LEU A 298 1.43 -13.06 24.29
CA LEU A 298 2.03 -12.23 23.24
C LEU A 298 2.49 -10.90 23.82
N THR A 299 1.86 -10.47 24.91
CA THR A 299 2.28 -9.23 25.55
C THR A 299 3.60 -9.40 26.27
N ASN A 300 4.12 -10.63 26.35
CA ASN A 300 5.47 -10.85 26.88
C ASN A 300 6.57 -10.49 25.86
N CYS A 301 6.22 -10.16 24.61
CA CYS A 301 7.26 -9.94 23.63
C CYS A 301 7.65 -8.46 23.69
N THR A 302 8.74 -8.24 24.41
CA THR A 302 9.06 -6.92 24.96
C THR A 302 9.44 -5.98 23.84
N LYS A 303 9.94 -6.56 22.75
CA LYS A 303 10.52 -5.76 21.69
C LYS A 303 9.61 -5.47 20.50
N LEU A 304 8.34 -5.90 20.56
CA LEU A 304 7.47 -5.73 19.40
C LEU A 304 7.31 -4.26 19.06
N THR A 305 7.74 -3.88 17.86
CA THR A 305 7.34 -2.61 17.26
C THR A 305 6.07 -2.67 16.39
N HIS A 306 5.97 -3.71 15.55
CA HIS A 306 4.86 -3.82 14.57
C HIS A 306 3.99 -5.06 14.78
N LEU A 307 2.72 -4.85 15.10
CA LEU A 307 1.77 -5.95 15.18
C LEU A 307 0.59 -5.77 14.20
N GLU A 308 0.59 -6.57 13.12
CA GLU A 308 -0.50 -6.50 12.16
C GLU A 308 -1.21 -7.83 12.01
N ILE A 309 -2.38 -7.87 12.63
CA ILE A 309 -3.31 -8.99 12.61
C ILE A 309 -4.60 -8.78 11.84
N ASP A 310 -4.66 -7.72 11.06
CA ASP A 310 -5.89 -7.31 10.37
C ASP A 310 -6.41 -8.37 9.37
N ASN A 311 -7.69 -8.26 9.00
CA ASN A 311 -8.32 -9.17 8.03
C ASN A 311 -8.19 -10.66 8.39
N ASN A 312 -8.80 -11.00 9.52
CA ASN A 312 -8.81 -12.38 10.04
C ASN A 312 -10.13 -12.68 10.75
N LEU A 313 -10.18 -13.79 11.47
CA LEU A 313 -11.34 -14.16 12.28
C LEU A 313 -11.21 -13.93 13.80
N ILE A 314 -10.20 -13.18 14.26
CA ILE A 314 -9.98 -12.99 15.70
C ILE A 314 -11.20 -12.45 16.47
N THR A 315 -11.45 -13.03 17.64
CA THR A 315 -12.56 -12.63 18.52
C THR A 315 -12.00 -12.29 19.90
N GLY A 316 -12.87 -11.87 20.81
CA GLY A 316 -12.49 -11.59 22.18
C GLY A 316 -12.09 -10.15 22.34
N GLU A 317 -11.44 -9.85 23.47
CA GLU A 317 -11.06 -8.48 23.80
C GLU A 317 -9.59 -8.25 23.54
N ILE A 318 -9.25 -7.01 23.22
CA ILE A 318 -7.86 -6.60 23.14
C ILE A 318 -7.38 -6.58 24.58
N PRO A 319 -6.31 -7.33 24.89
CA PRO A 319 -5.86 -7.48 26.27
C PRO A 319 -5.24 -6.19 26.80
N SER A 320 -5.52 -5.85 28.05
CA SER A 320 -4.94 -4.65 28.68
C SER A 320 -3.44 -4.75 28.87
N LEU A 321 -2.92 -5.97 29.00
CA LEU A 321 -1.49 -6.20 29.15
C LEU A 321 -0.69 -5.73 27.93
N MET A 322 -1.43 -5.28 26.92
CA MET A 322 -0.85 -4.56 25.80
C MET A 322 0.10 -3.47 26.30
N SER A 323 -0.22 -2.91 27.47
CA SER A 323 0.60 -1.85 28.04
C SER A 323 2.05 -2.29 28.29
N ASN A 324 2.29 -3.59 28.35
CA ASN A 324 3.65 -4.10 28.48
C ASN A 324 4.47 -4.06 27.21
N LEU A 325 3.86 -3.78 26.06
CA LEU A 325 4.67 -3.67 24.85
C LEU A 325 5.02 -2.20 24.74
N ARG A 326 6.21 -1.85 25.23
CA ARG A 326 6.55 -0.45 25.41
C ARG A 326 7.20 0.09 24.18
N SER A 327 7.55 -0.81 23.25
CA SER A 327 8.11 -0.38 21.97
C SER A 327 7.13 -0.37 20.79
N LEU A 328 5.87 -0.73 21.01
CA LEU A 328 4.91 -0.83 19.92
C LEU A 328 4.75 0.49 19.18
N THR A 329 5.05 0.54 17.89
CA THR A 329 4.71 1.72 17.12
C THR A 329 3.49 1.58 16.21
N MET A 330 3.10 0.33 15.92
CA MET A 330 2.06 0.07 14.92
C MET A 330 1.13 -1.07 15.36
N PHE A 331 -0.16 -0.79 15.51
CA PHE A 331 -1.11 -1.86 15.86
C PHE A 331 -2.30 -1.86 14.89
N PHE A 332 -2.36 -2.87 14.04
CA PHE A 332 -3.46 -3.03 13.09
C PHE A 332 -4.18 -4.35 13.37
N ALA A 333 -5.37 -4.24 13.95
CA ALA A 333 -6.34 -5.34 14.09
C ALA A 333 -7.60 -5.23 13.22
N TRP A 334 -7.65 -4.26 12.32
CA TRP A 334 -8.90 -3.97 11.61
C TRP A 334 -9.49 -5.17 10.85
N GLN A 335 -10.82 -5.18 10.70
CA GLN A 335 -11.56 -6.27 10.03
C GLN A 335 -11.32 -7.60 10.74
N ASN A 336 -11.84 -7.67 11.97
CA ASN A 336 -11.87 -8.90 12.75
C ASN A 336 -13.20 -8.94 13.48
N LYS A 337 -13.36 -9.91 14.37
CA LYS A 337 -14.53 -10.05 15.26
C LYS A 337 -14.35 -9.51 16.70
N LEU A 338 -13.34 -8.65 16.93
CA LEU A 338 -13.08 -8.10 18.27
C LEU A 338 -14.27 -7.40 18.96
N THR A 339 -14.44 -7.68 20.24
CA THR A 339 -15.47 -7.03 21.04
C THR A 339 -14.89 -6.47 22.31
N GLY A 340 -15.72 -5.80 23.10
CA GLY A 340 -15.30 -5.23 24.37
C GLY A 340 -14.80 -3.81 24.19
N ASN A 341 -14.36 -3.19 25.29
CA ASN A 341 -13.79 -1.85 25.25
C ASN A 341 -12.43 -1.84 24.61
N ILE A 342 -12.05 -0.68 24.07
CA ILE A 342 -10.66 -0.42 23.73
C ILE A 342 -9.99 -0.10 25.06
N PRO A 343 -8.97 -0.88 25.44
CA PRO A 343 -8.34 -0.69 26.75
C PRO A 343 -7.56 0.63 26.87
N GLN A 344 -7.83 1.39 27.93
CA GLN A 344 -7.04 2.60 28.22
C GLN A 344 -5.53 2.30 28.35
N SER A 345 -5.18 1.08 28.74
CA SER A 345 -3.81 0.70 29.01
C SER A 345 -2.97 0.72 27.76
N LEU A 346 -3.63 0.75 26.62
CA LEU A 346 -2.97 0.88 25.33
C LEU A 346 -2.22 2.22 25.26
N SER A 347 -2.69 3.20 26.02
CA SER A 347 -1.99 4.48 26.12
C SER A 347 -0.61 4.38 26.83
N GLN A 348 -0.29 3.23 27.43
CA GLN A 348 1.03 3.12 28.04
C GLN A 348 2.12 2.76 27.02
N CYS A 349 1.75 2.43 25.79
CA CYS A 349 2.77 2.20 24.78
C CYS A 349 2.96 3.56 24.18
N ARG A 350 4.04 4.23 24.59
CA ARG A 350 4.13 5.66 24.34
C ARG A 350 4.62 5.93 22.91
N GLU A 351 5.17 4.90 22.26
CA GLU A 351 5.68 5.06 20.89
C GLU A 351 4.65 4.94 19.77
N LEU A 352 3.38 4.59 20.07
CA LEU A 352 2.43 4.27 18.98
C LEU A 352 2.27 5.37 17.93
N GLN A 353 2.59 5.04 16.70
CA GLN A 353 2.36 5.91 15.56
C GLN A 353 1.00 5.75 14.90
N ALA A 354 0.53 4.50 14.83
CA ALA A 354 -0.68 4.18 14.11
C ALA A 354 -1.52 3.11 14.80
N ILE A 355 -2.79 3.42 15.03
CA ILE A 355 -3.74 2.43 15.53
C ILE A 355 -4.88 2.25 14.51
N ASP A 356 -5.12 1.04 14.01
CA ASP A 356 -6.33 0.78 13.21
C ASP A 356 -7.10 -0.42 13.73
N LEU A 357 -8.23 -0.13 14.36
CA LEU A 357 -9.17 -1.12 14.88
C LEU A 357 -10.48 -1.23 14.09
N SER A 358 -10.52 -0.63 12.91
CA SER A 358 -11.77 -0.46 12.17
C SER A 358 -12.40 -1.83 11.87
N TYR A 359 -13.70 -1.85 11.59
CA TYR A 359 -14.39 -3.07 11.19
C TYR A 359 -14.33 -4.18 12.22
N ASN A 360 -14.74 -3.85 13.45
CA ASN A 360 -14.86 -4.82 14.50
C ASN A 360 -16.20 -4.60 15.18
N SER A 361 -16.41 -5.29 16.28
CA SER A 361 -17.53 -5.06 17.17
C SER A 361 -17.22 -4.27 18.46
N LEU A 362 -16.10 -3.55 18.49
CA LEU A 362 -15.73 -2.85 19.72
C LEU A 362 -16.85 -1.94 20.17
N SER A 363 -17.00 -1.80 21.48
CA SER A 363 -18.05 -0.94 22.01
C SER A 363 -17.50 -0.14 23.18
N GLY A 364 -18.35 0.71 23.77
CA GLY A 364 -17.92 1.54 24.88
C GLY A 364 -17.39 2.88 24.41
N SER A 365 -16.83 3.64 25.34
CA SER A 365 -16.24 4.94 25.03
C SER A 365 -14.87 4.78 24.44
N ILE A 366 -14.43 5.76 23.65
CA ILE A 366 -13.04 5.90 23.31
C ILE A 366 -12.33 6.46 24.54
N PRO A 367 -11.36 5.71 25.10
CA PRO A 367 -10.69 6.13 26.34
C PRO A 367 -9.87 7.38 26.09
N LYS A 368 -10.00 8.40 26.94
CA LYS A 368 -9.33 9.66 26.67
C LYS A 368 -7.80 9.55 26.65
N GLU A 369 -7.26 8.56 27.32
CA GLU A 369 -5.83 8.41 27.46
C GLU A 369 -5.15 8.21 26.12
N ILE A 370 -5.87 7.63 25.17
CA ILE A 370 -5.26 7.35 23.88
C ILE A 370 -4.89 8.68 23.19
N PHE A 371 -5.55 9.77 23.61
CA PHE A 371 -5.33 11.04 22.95
C PHE A 371 -4.14 11.78 23.59
N GLY A 372 -3.52 11.14 24.58
CA GLY A 372 -2.33 11.68 25.19
C GLY A 372 -1.05 11.20 24.50
N LEU A 373 -1.22 10.38 23.47
CA LEU A 373 -0.07 9.91 22.71
C LEU A 373 0.47 11.04 21.82
N ARG A 374 1.74 11.40 22.00
CA ARG A 374 2.28 12.60 21.39
C ARG A 374 2.78 12.30 19.99
N ASN A 375 2.95 11.02 19.70
CA ASN A 375 3.36 10.62 18.36
C ASN A 375 2.33 9.99 17.45
N LEU A 376 1.07 9.88 17.91
CA LEU A 376 0.10 9.13 17.14
C LEU A 376 -0.31 9.99 15.94
N THR A 377 0.06 9.53 14.74
CA THR A 377 -0.36 10.17 13.48
C THR A 377 -1.68 9.67 12.91
N LYS A 378 -1.95 8.38 13.09
CA LYS A 378 -3.17 7.75 12.53
C LYS A 378 -4.00 7.06 13.60
N LEU A 379 -5.25 7.49 13.73
CA LEU A 379 -6.19 6.80 14.60
C LEU A 379 -7.43 6.40 13.79
N LEU A 380 -7.62 5.11 13.59
CA LEU A 380 -8.71 4.63 12.75
C LEU A 380 -9.52 3.63 13.51
N LEU A 381 -10.68 4.09 13.94
CA LEU A 381 -11.70 3.31 14.66
C LEU A 381 -13.00 3.04 13.90
N LEU A 382 -13.04 3.34 12.60
CA LEU A 382 -14.31 3.30 11.87
C LEU A 382 -15.03 1.95 11.86
N SER A 383 -16.34 2.01 11.71
CA SER A 383 -17.20 0.82 11.72
C SER A 383 -17.01 -0.08 12.93
N ASN A 384 -17.48 0.42 14.07
CA ASN A 384 -17.56 -0.36 15.29
C ASN A 384 -18.90 -0.04 15.97
N ASP A 385 -19.06 -0.45 17.21
CA ASP A 385 -20.19 -0.03 18.02
C ASP A 385 -19.88 1.06 19.06
N LEU A 386 -18.77 1.78 18.87
CA LEU A 386 -18.32 2.79 19.84
C LEU A 386 -19.38 3.84 20.15
N SER A 387 -19.38 4.36 21.37
CA SER A 387 -20.29 5.46 21.74
C SER A 387 -19.72 6.38 22.80
N GLY A 388 -20.57 7.26 23.32
CA GLY A 388 -20.10 8.25 24.27
C GLY A 388 -19.56 9.46 23.54
N PHE A 389 -18.93 10.35 24.31
CA PHE A 389 -18.41 11.60 23.78
C PHE A 389 -17.06 11.43 23.12
N ILE A 390 -16.74 12.35 22.21
CA ILE A 390 -15.35 12.58 21.85
C ILE A 390 -14.76 13.38 23.01
N PRO A 391 -13.72 12.84 23.65
CA PRO A 391 -13.15 13.49 24.83
C PRO A 391 -12.48 14.78 24.44
N PRO A 392 -12.56 15.80 25.29
CA PRO A 392 -11.84 17.07 25.09
C PRO A 392 -10.31 16.86 24.96
N ASP A 393 -9.84 15.79 25.57
CA ASP A 393 -8.42 15.43 25.48
C ASP A 393 -7.95 15.22 24.06
N ILE A 394 -8.88 15.16 23.11
CA ILE A 394 -8.50 15.03 21.70
C ILE A 394 -7.46 16.08 21.33
N GLY A 395 -7.54 17.26 21.94
CA GLY A 395 -6.56 18.31 21.65
C GLY A 395 -5.13 18.11 22.17
N ASN A 396 -4.94 17.15 23.06
CA ASN A 396 -3.61 16.80 23.57
C ASN A 396 -2.78 16.01 22.54
N CYS A 397 -3.39 15.55 21.46
CA CYS A 397 -2.76 14.53 20.62
C CYS A 397 -2.14 15.26 19.47
N THR A 398 -0.88 15.60 19.68
CA THR A 398 -0.33 16.79 19.04
C THR A 398 0.01 16.54 17.59
N ASN A 399 0.39 15.31 17.29
CA ASN A 399 0.79 14.95 15.94
C ASN A 399 -0.31 14.28 15.12
N LEU A 400 -1.54 14.23 15.63
CA LEU A 400 -2.63 13.59 14.87
C LEU A 400 -2.74 14.12 13.44
N TYR A 401 -2.73 13.19 12.50
CA TYR A 401 -2.77 13.52 11.08
C TYR A 401 -4.07 13.05 10.43
N ARG A 402 -4.31 11.74 10.48
CA ARG A 402 -5.53 11.15 9.94
C ARG A 402 -6.40 10.54 11.06
N LEU A 403 -7.62 11.04 11.18
CA LEU A 403 -8.55 10.59 12.22
C LEU A 403 -9.85 10.06 11.61
N ARG A 404 -10.15 8.79 11.81
CA ARG A 404 -11.43 8.28 11.32
C ARG A 404 -12.22 7.58 12.41
N LEU A 405 -13.32 8.23 12.81
CA LEU A 405 -14.28 7.70 13.79
C LEU A 405 -15.59 7.21 13.19
N ASN A 406 -15.68 7.25 11.87
CA ASN A 406 -16.96 7.12 11.20
C ASN A 406 -17.62 5.73 11.28
N GLY A 407 -18.95 5.70 11.28
CA GLY A 407 -19.67 4.44 11.39
C GLY A 407 -19.70 3.90 12.81
N ASN A 408 -20.02 4.79 13.74
CA ASN A 408 -20.18 4.42 15.15
C ASN A 408 -21.46 5.06 15.72
N ARG A 409 -21.62 4.99 17.03
CA ARG A 409 -22.67 5.68 17.78
C ARG A 409 -22.28 6.96 18.55
N LEU A 410 -21.15 7.56 18.23
CA LEU A 410 -20.66 8.72 19.01
C LEU A 410 -21.73 9.81 19.22
N ALA A 411 -21.82 10.32 20.45
CA ALA A 411 -22.83 11.31 20.82
C ALA A 411 -22.20 12.62 21.31
N GLY A 412 -23.02 13.60 21.66
CA GLY A 412 -22.52 14.90 22.11
C GLY A 412 -22.00 15.77 20.98
N SER A 413 -21.24 16.81 21.31
CA SER A 413 -20.76 17.71 20.26
C SER A 413 -19.25 17.63 20.02
N ILE A 414 -18.84 18.04 18.82
CA ILE A 414 -17.43 17.97 18.48
C ILE A 414 -16.70 18.98 19.35
N PRO A 415 -15.79 18.50 20.21
CA PRO A 415 -15.17 19.37 21.22
C PRO A 415 -14.32 20.46 20.57
N SER A 416 -14.31 21.65 21.15
CA SER A 416 -13.55 22.78 20.62
C SER A 416 -12.07 22.51 20.53
N GLU A 417 -11.58 21.63 21.40
CA GLU A 417 -10.14 21.46 21.53
C GLU A 417 -9.55 20.74 20.32
N ILE A 418 -10.40 20.24 19.41
CA ILE A 418 -9.91 19.68 18.17
C ILE A 418 -9.12 20.76 17.42
N GLY A 419 -9.47 22.02 17.71
CA GLY A 419 -8.79 23.14 17.09
C GLY A 419 -7.34 23.33 17.50
N ASN A 420 -6.86 22.56 18.47
CA ASN A 420 -5.45 22.63 18.86
C ASN A 420 -4.55 21.76 17.99
N LEU A 421 -5.15 20.97 17.11
CA LEU A 421 -4.40 20.06 16.27
C LEU A 421 -4.04 20.75 14.97
N LYS A 422 -2.76 21.06 14.83
CA LYS A 422 -2.26 21.83 13.69
C LYS A 422 -1.74 20.93 12.58
N ASN A 423 -1.59 19.64 12.88
CA ASN A 423 -1.21 18.69 11.83
C ASN A 423 -2.36 17.87 11.28
N LEU A 424 -3.59 18.15 11.72
CA LEU A 424 -4.69 17.28 11.40
C LEU A 424 -5.08 17.57 9.95
N ASN A 425 -4.84 16.58 9.09
CA ASN A 425 -5.10 16.65 7.66
C ASN A 425 -6.48 16.22 7.20
N PHE A 426 -6.94 15.12 7.79
CA PHE A 426 -8.08 14.37 7.30
C PHE A 426 -8.89 13.94 8.51
N VAL A 427 -10.15 14.34 8.57
CA VAL A 427 -11.03 13.89 9.65
C VAL A 427 -12.34 13.37 9.10
N ASP A 428 -12.67 12.13 9.46
CA ASP A 428 -13.98 11.58 9.14
C ASP A 428 -14.70 11.16 10.41
N ILE A 429 -15.71 11.95 10.77
CA ILE A 429 -16.68 11.62 11.82
C ILE A 429 -18.09 11.26 11.35
N SER A 430 -18.24 11.01 10.06
CA SER A 430 -19.56 10.72 9.47
C SER A 430 -20.23 9.48 10.07
N GLU A 431 -21.55 9.38 9.87
CA GLU A 431 -22.35 8.28 10.44
C GLU A 431 -22.21 8.08 11.94
N ASN A 432 -22.66 9.07 12.70
CA ASN A 432 -22.62 9.01 14.13
C ASN A 432 -23.85 9.72 14.68
N ARG A 433 -23.92 9.90 15.98
CA ARG A 433 -25.04 10.63 16.59
C ARG A 433 -24.71 12.05 17.06
N LEU A 434 -23.58 12.59 16.61
CA LEU A 434 -23.11 13.93 17.01
C LEU A 434 -24.18 15.03 16.90
N VAL A 435 -24.22 15.91 17.90
CA VAL A 435 -25.21 16.99 17.97
C VAL A 435 -24.53 18.34 18.06
N GLY A 436 -25.33 19.39 18.16
CA GLY A 436 -24.84 20.76 18.32
C GLY A 436 -24.26 21.41 17.06
N SER A 437 -23.61 22.54 17.24
CA SER A 437 -22.96 23.27 16.16
C SER A 437 -21.60 22.70 15.77
N ILE A 438 -21.17 22.99 14.55
CA ILE A 438 -19.77 22.85 14.21
C ILE A 438 -19.01 23.98 14.93
N PRO A 439 -18.09 23.61 15.85
CA PRO A 439 -17.42 24.61 16.70
C PRO A 439 -16.46 25.52 15.94
N PRO A 440 -16.59 26.85 16.11
CA PRO A 440 -15.74 27.86 15.47
C PRO A 440 -14.24 27.58 15.61
N ALA A 441 -13.85 26.97 16.73
CA ALA A 441 -12.43 26.69 16.99
C ALA A 441 -11.78 25.76 15.96
N ILE A 442 -12.57 25.08 15.13
CA ILE A 442 -11.99 24.20 14.12
C ILE A 442 -11.25 25.04 13.08
N SER A 443 -11.50 26.35 13.08
CA SER A 443 -10.76 27.28 12.25
C SER A 443 -9.26 27.18 12.57
N GLY A 444 -8.97 26.66 13.74
CA GLY A 444 -7.59 26.54 14.20
C GLY A 444 -6.84 25.37 13.61
N CYS A 445 -7.49 24.50 12.83
CA CYS A 445 -6.75 23.39 12.26
C CYS A 445 -6.23 23.86 10.92
N GLU A 446 -4.95 24.23 10.89
CA GLU A 446 -4.44 24.96 9.75
C GLU A 446 -4.05 24.03 8.60
N SER A 447 -3.96 22.74 8.91
CA SER A 447 -3.61 21.73 7.92
C SER A 447 -4.81 20.96 7.37
N LEU A 448 -6.01 21.31 7.82
CA LEU A 448 -7.17 20.49 7.52
C LEU A 448 -7.57 20.54 6.05
N GLU A 449 -7.66 19.36 5.44
CA GLU A 449 -7.89 19.19 4.00
C GLU A 449 -9.20 18.50 3.69
N PHE A 450 -9.41 17.35 4.34
CA PHE A 450 -10.61 16.53 4.20
C PHE A 450 -11.47 16.61 5.48
N LEU A 451 -12.73 17.05 5.38
CA LEU A 451 -13.65 17.07 6.52
C LEU A 451 -14.99 16.39 6.20
N ASP A 452 -15.22 15.22 6.77
CA ASP A 452 -16.46 14.50 6.53
C ASP A 452 -17.28 14.33 7.80
N LEU A 453 -18.29 15.18 7.95
CA LEU A 453 -19.29 15.12 9.02
C LEU A 453 -20.67 14.51 8.62
N HIS A 454 -20.80 13.91 7.46
CA HIS A 454 -22.16 13.56 7.00
C HIS A 454 -22.94 12.53 7.87
N THR A 455 -24.27 12.59 7.80
CA THR A 455 -25.14 11.66 8.54
C THR A 455 -24.90 11.72 10.05
N ASN A 456 -25.23 12.89 10.59
CA ASN A 456 -25.18 13.14 12.01
C ASN A 456 -26.41 13.97 12.35
N SER A 457 -26.52 14.36 13.62
CA SER A 457 -27.57 15.25 14.07
C SER A 457 -27.15 16.71 14.23
N LEU A 458 -26.04 17.08 13.60
CA LEU A 458 -25.52 18.44 13.70
C LEU A 458 -26.58 19.45 13.31
N SER A 459 -26.51 20.63 13.93
CA SER A 459 -27.46 21.70 13.63
C SER A 459 -26.88 23.07 13.89
N GLY A 460 -27.75 24.07 13.82
CA GLY A 460 -27.31 25.43 13.97
C GLY A 460 -26.95 26.03 12.62
N SER A 461 -26.16 27.09 12.66
CA SER A 461 -25.83 27.82 11.47
C SER A 461 -24.43 27.45 10.98
N LEU A 462 -23.99 28.11 9.91
CA LEU A 462 -22.77 27.75 9.24
C LEU A 462 -22.01 29.02 8.91
N LEU A 463 -20.82 29.20 9.47
CA LEU A 463 -20.09 30.44 9.25
C LEU A 463 -18.81 30.16 8.46
N GLY A 464 -18.47 31.07 7.54
CA GLY A 464 -17.23 30.96 6.81
C GLY A 464 -16.05 31.09 7.75
N THR A 465 -16.24 31.87 8.82
CA THR A 465 -15.23 32.09 9.87
C THR A 465 -14.93 30.81 10.64
N THR A 466 -15.83 29.85 10.51
CA THR A 466 -15.75 28.63 11.27
C THR A 466 -14.83 27.62 10.59
N LEU A 467 -14.48 27.85 9.32
CA LEU A 467 -13.75 26.83 8.55
C LEU A 467 -12.37 27.30 8.07
N PRO A 468 -11.37 26.39 8.13
CA PRO A 468 -10.02 26.73 7.67
C PRO A 468 -9.91 26.75 6.14
N LYS A 469 -9.17 27.70 5.60
CA LYS A 469 -9.16 28.00 4.17
C LYS A 469 -8.36 26.99 3.31
N SER A 470 -7.66 26.10 4.00
CA SER A 470 -6.95 25.01 3.35
C SER A 470 -7.88 23.84 3.00
N LEU A 471 -9.17 23.95 3.34
CA LEU A 471 -10.12 22.86 3.04
C LEU A 471 -10.27 22.55 1.55
N LYS A 472 -10.26 21.25 1.23
CA LYS A 472 -10.41 20.73 -0.12
C LYS A 472 -11.75 20.01 -0.25
N PHE A 473 -11.98 19.06 0.63
CA PHE A 473 -13.21 18.27 0.61
C PHE A 473 -14.08 18.59 1.83
N ILE A 474 -15.35 18.96 1.61
CA ILE A 474 -16.30 19.18 2.71
C ILE A 474 -17.57 18.37 2.51
N ASP A 475 -17.94 17.54 3.49
CA ASP A 475 -19.25 16.89 3.42
C ASP A 475 -19.99 17.03 4.72
N PHE A 476 -20.96 17.94 4.77
CA PHE A 476 -21.88 18.12 5.92
C PHE A 476 -23.26 17.53 5.69
N SER A 477 -23.42 16.76 4.63
CA SER A 477 -24.75 16.29 4.26
C SER A 477 -25.45 15.40 5.28
N ASP A 478 -26.77 15.35 5.17
CA ASP A 478 -27.62 14.54 6.04
C ASP A 478 -27.43 14.94 7.49
N ASN A 479 -27.76 16.19 7.78
CA ASN A 479 -27.74 16.75 9.11
C ASN A 479 -28.98 17.61 9.26
N ALA A 480 -29.05 18.36 10.36
CA ALA A 480 -30.06 19.39 10.61
C ALA A 480 -29.63 20.85 10.42
N LEU A 481 -28.50 21.09 9.74
CA LEU A 481 -27.95 22.45 9.60
C LEU A 481 -28.97 23.44 9.03
N SER A 482 -28.84 24.71 9.40
CA SER A 482 -29.81 25.73 8.94
C SER A 482 -29.28 27.15 8.74
N SER A 483 -30.24 28.05 8.57
CA SER A 483 -30.04 29.42 8.10
C SER A 483 -29.35 29.48 6.75
N THR A 484 -28.54 30.50 6.51
CA THR A 484 -28.04 30.75 5.16
C THR A 484 -26.63 30.25 4.96
N LEU A 485 -26.39 29.78 3.73
CA LEU A 485 -25.04 29.51 3.30
C LEU A 485 -24.28 30.83 3.40
N PRO A 486 -23.25 30.86 4.25
CA PRO A 486 -22.51 32.09 4.57
C PRO A 486 -21.71 32.59 3.39
N PRO A 487 -21.74 33.90 3.16
CA PRO A 487 -20.96 34.50 2.07
C PRO A 487 -19.46 34.17 2.20
N GLY A 488 -19.02 33.93 3.44
CA GLY A 488 -17.64 33.61 3.74
C GLY A 488 -17.18 32.32 3.08
N ILE A 489 -18.14 31.62 2.49
CA ILE A 489 -17.82 30.40 1.76
C ILE A 489 -16.88 30.75 0.62
N GLY A 490 -16.93 31.99 0.16
CA GLY A 490 -16.08 32.43 -0.93
C GLY A 490 -14.61 32.46 -0.55
N LEU A 491 -14.30 32.37 0.74
CA LEU A 491 -12.92 32.46 1.17
C LEU A 491 -12.16 31.16 1.00
N LEU A 492 -12.88 30.05 0.81
CA LEU A 492 -12.17 28.80 0.67
C LEU A 492 -11.91 28.66 -0.81
N THR A 493 -10.66 28.91 -1.20
CA THR A 493 -10.31 28.98 -2.60
C THR A 493 -9.80 27.64 -3.09
N GLU A 494 -9.56 26.74 -2.12
CA GLU A 494 -8.99 25.43 -2.40
C GLU A 494 -10.07 24.36 -2.53
N LEU A 495 -11.28 24.73 -2.16
CA LEU A 495 -12.37 23.77 -2.03
C LEU A 495 -12.68 23.09 -3.37
N THR A 496 -12.69 21.77 -3.34
CA THR A 496 -12.82 20.94 -4.53
C THR A 496 -14.19 20.30 -4.60
N LYS A 497 -14.53 19.52 -3.58
CA LYS A 497 -15.85 18.96 -3.44
C LYS A 497 -16.57 19.58 -2.25
N LEU A 498 -17.80 20.04 -2.46
CA LEU A 498 -18.60 20.62 -1.40
C LEU A 498 -19.98 20.00 -1.40
N ASN A 499 -20.32 19.30 -0.33
CA ASN A 499 -21.62 18.64 -0.24
C ASN A 499 -22.39 18.98 1.04
N LEU A 500 -23.42 19.81 0.86
CA LEU A 500 -24.31 20.32 1.90
C LEU A 500 -25.71 19.70 1.92
N ALA A 501 -25.91 18.64 1.15
CA ALA A 501 -27.25 18.13 0.85
C ALA A 501 -28.01 17.58 2.05
N LYS A 502 -29.33 17.50 1.90
CA LYS A 502 -30.19 16.93 2.95
C LYS A 502 -29.96 17.64 4.26
N ASN A 503 -30.13 18.96 4.22
CA ASN A 503 -30.15 19.81 5.41
C ASN A 503 -31.35 20.74 5.38
N ARG A 504 -31.42 21.63 6.37
CA ARG A 504 -32.47 22.65 6.45
C ARG A 504 -32.06 24.05 5.97
N LEU A 505 -30.95 24.15 5.24
CA LEU A 505 -30.43 25.45 4.77
C LEU A 505 -31.42 26.28 3.91
N SER A 506 -31.36 27.61 4.03
CA SER A 506 -32.29 28.51 3.31
C SER A 506 -31.67 29.81 2.76
N GLY A 507 -32.51 30.65 2.17
CA GLY A 507 -32.04 31.87 1.52
C GLY A 507 -31.54 31.62 0.10
N GLU A 508 -30.85 32.61 -0.48
CA GLU A 508 -30.26 32.47 -1.82
C GLU A 508 -28.91 31.78 -1.78
N ILE A 509 -28.37 31.52 -2.97
CA ILE A 509 -26.99 31.12 -3.12
C ILE A 509 -26.18 32.41 -3.22
N PRO A 510 -25.30 32.67 -2.25
CA PRO A 510 -24.51 33.89 -2.22
C PRO A 510 -23.59 33.96 -3.44
N ARG A 511 -23.48 35.13 -4.06
CA ARG A 511 -22.72 35.26 -5.30
C ARG A 511 -21.21 35.09 -5.05
N GLU A 512 -20.81 35.20 -3.78
CA GLU A 512 -19.42 34.99 -3.39
C GLU A 512 -18.95 33.59 -3.74
N ILE A 513 -19.93 32.69 -3.96
CA ILE A 513 -19.65 31.34 -4.43
C ILE A 513 -18.72 31.35 -5.65
N SER A 514 -18.82 32.39 -6.48
CA SER A 514 -18.05 32.45 -7.71
C SER A 514 -16.54 32.52 -7.49
N THR A 515 -16.13 32.88 -6.28
CA THR A 515 -14.70 33.02 -6.01
C THR A 515 -14.06 31.71 -5.56
N CYS A 516 -14.83 30.62 -5.60
CA CYS A 516 -14.22 29.34 -5.30
C CYS A 516 -13.75 28.79 -6.64
N ARG A 517 -12.47 28.96 -6.91
CA ARG A 517 -12.00 28.77 -8.27
C ARG A 517 -11.70 27.31 -8.54
N SER A 518 -11.62 26.53 -7.48
CA SER A 518 -11.24 25.13 -7.60
C SER A 518 -12.42 24.15 -7.61
N LEU A 519 -13.64 24.65 -7.48
CA LEU A 519 -14.76 23.77 -7.13
C LEU A 519 -15.19 22.85 -8.28
N GLN A 520 -15.00 21.55 -8.07
CA GLN A 520 -15.42 20.52 -9.01
C GLN A 520 -16.83 19.98 -8.79
N LEU A 521 -17.24 19.88 -7.52
CA LEU A 521 -18.49 19.25 -7.18
C LEU A 521 -19.28 20.12 -6.24
N LEU A 522 -20.54 20.39 -6.57
CA LEU A 522 -21.37 21.14 -5.63
C LEU A 522 -22.71 20.46 -5.44
N ASN A 523 -22.96 19.95 -4.25
CA ASN A 523 -24.27 19.36 -3.98
C ASN A 523 -25.05 20.16 -2.94
N LEU A 524 -26.04 20.90 -3.41
CA LEU A 524 -27.01 21.62 -2.57
C LEU A 524 -28.37 20.94 -2.44
N GLY A 525 -28.48 19.71 -2.94
CA GLY A 525 -29.73 18.97 -2.94
C GLY A 525 -30.51 18.86 -1.63
N GLU A 526 -31.84 18.80 -1.75
CA GLU A 526 -32.69 18.49 -0.61
C GLU A 526 -32.49 19.47 0.57
N ASN A 527 -32.65 20.75 0.25
CA ASN A 527 -32.67 21.80 1.23
C ASN A 527 -33.89 22.69 1.02
N ASP A 528 -33.97 23.78 1.76
CA ASP A 528 -34.97 24.83 1.55
C ASP A 528 -34.53 26.09 0.76
N PHE A 529 -33.43 26.01 0.02
CA PHE A 529 -32.96 27.14 -0.80
C PHE A 529 -34.06 27.68 -1.72
N SER A 530 -34.06 29.01 -1.88
CA SER A 530 -35.09 29.68 -2.66
C SER A 530 -34.51 30.82 -3.47
N GLY A 531 -35.39 31.58 -4.12
CA GLY A 531 -34.98 32.66 -5.00
C GLY A 531 -34.46 32.20 -6.35
N GLU A 532 -33.53 32.96 -6.91
CA GLU A 532 -33.08 32.72 -8.26
C GLU A 532 -31.65 32.22 -8.26
N ILE A 533 -31.39 31.14 -8.99
CA ILE A 533 -30.05 30.62 -9.11
C ILE A 533 -29.18 31.71 -9.69
N PRO A 534 -28.20 32.17 -8.91
CA PRO A 534 -27.40 33.34 -9.28
C PRO A 534 -26.65 33.10 -10.58
N ASP A 535 -26.32 34.18 -11.28
CA ASP A 535 -25.57 34.09 -12.52
C ASP A 535 -24.13 33.63 -12.24
N GLU A 536 -23.59 34.07 -11.09
CA GLU A 536 -22.21 33.79 -10.70
C GLU A 536 -21.95 32.31 -10.43
N LEU A 537 -23.03 31.54 -10.38
CA LEU A 537 -22.88 30.12 -10.21
C LEU A 537 -22.40 29.49 -11.54
N GLY A 538 -22.70 30.17 -12.64
CA GLY A 538 -22.14 29.79 -13.92
C GLY A 538 -20.67 30.11 -13.96
N GLN A 539 -20.24 31.00 -13.08
CA GLN A 539 -18.95 31.63 -13.23
C GLN A 539 -17.77 30.72 -12.78
N ILE A 540 -18.03 29.43 -12.51
CA ILE A 540 -17.00 28.47 -12.02
C ILE A 540 -16.70 27.36 -13.02
N PRO A 541 -15.82 27.63 -14.00
CA PRO A 541 -15.52 26.69 -15.09
C PRO A 541 -14.91 25.38 -14.61
N SER A 542 -14.39 25.36 -13.38
CA SER A 542 -13.85 24.12 -12.83
C SER A 542 -14.96 23.12 -12.53
N LEU A 543 -16.20 23.58 -12.39
CA LEU A 543 -17.32 22.67 -12.12
C LEU A 543 -17.39 21.64 -13.24
N ALA A 544 -17.17 20.39 -12.86
CA ALA A 544 -16.89 19.31 -13.79
C ALA A 544 -17.68 18.06 -13.45
N ILE A 545 -17.50 17.60 -12.21
CA ILE A 545 -18.05 16.32 -11.77
C ILE A 545 -19.58 16.35 -11.68
N SER A 546 -20.13 17.13 -10.75
CA SER A 546 -21.58 17.32 -10.72
C SER A 546 -22.03 18.61 -10.02
N LEU A 547 -23.22 19.04 -10.39
CA LEU A 547 -23.86 20.19 -9.76
C LEU A 547 -25.29 19.76 -9.45
N ASN A 548 -25.62 19.67 -8.17
CA ASN A 548 -26.92 19.19 -7.75
C ASN A 548 -27.64 20.27 -6.93
N LEU A 549 -28.65 20.86 -7.57
CA LEU A 549 -29.52 21.87 -6.98
C LEU A 549 -30.92 21.37 -6.63
N SER A 550 -31.16 20.07 -6.78
CA SER A 550 -32.52 19.56 -6.76
C SER A 550 -33.20 19.61 -5.39
N CYS A 551 -34.47 19.23 -5.37
CA CYS A 551 -35.29 19.24 -4.16
C CYS A 551 -35.13 20.50 -3.31
N ASN A 552 -35.27 21.63 -3.98
CA ASN A 552 -35.32 22.91 -3.30
C ASN A 552 -36.55 23.68 -3.74
N ARG A 553 -36.61 24.94 -3.35
CA ARG A 553 -37.60 25.90 -3.81
C ARG A 553 -37.19 26.94 -4.89
N PHE A 554 -36.12 26.69 -5.63
CA PHE A 554 -35.63 27.66 -6.63
C PHE A 554 -36.71 28.08 -7.62
N VAL A 555 -36.63 29.34 -8.05
CA VAL A 555 -37.51 29.84 -9.12
C VAL A 555 -36.77 30.66 -10.16
N GLY A 556 -37.53 31.16 -11.13
CA GLY A 556 -36.95 31.86 -12.27
C GLY A 556 -36.34 30.88 -13.27
N GLU A 557 -35.59 31.41 -14.22
CA GLU A 557 -35.04 30.56 -15.28
C GLU A 557 -33.64 30.05 -14.99
N ILE A 558 -33.16 29.17 -15.86
CA ILE A 558 -31.77 28.74 -15.83
C ILE A 558 -30.96 29.91 -16.37
N PRO A 559 -30.10 30.50 -15.53
CA PRO A 559 -29.36 31.72 -15.91
C PRO A 559 -28.50 31.46 -17.13
N SER A 560 -28.40 32.45 -18.02
CA SER A 560 -27.77 32.26 -19.32
C SER A 560 -26.31 31.83 -19.17
N ARG A 561 -25.69 32.25 -18.07
CA ARG A 561 -24.29 31.92 -17.90
C ARG A 561 -24.01 30.43 -17.80
N PHE A 562 -25.04 29.62 -17.55
CA PHE A 562 -24.83 28.17 -17.49
C PHE A 562 -24.31 27.62 -18.80
N SER A 563 -24.39 28.41 -19.86
CA SER A 563 -23.78 27.99 -21.12
C SER A 563 -22.27 27.90 -21.00
N ASP A 564 -21.70 28.57 -20.00
CA ASP A 564 -20.25 28.55 -19.82
C ASP A 564 -19.70 27.29 -19.17
N LEU A 565 -20.53 26.46 -18.54
CA LEU A 565 -19.90 25.37 -17.82
C LEU A 565 -19.74 24.26 -18.81
N LYS A 566 -18.56 24.25 -19.43
CA LYS A 566 -18.31 23.45 -20.61
C LYS A 566 -17.76 22.11 -20.16
N ASN A 567 -17.37 22.05 -18.89
CA ASN A 567 -16.86 20.81 -18.31
C ASN A 567 -17.87 19.99 -17.47
N LEU A 568 -19.08 20.51 -17.27
CA LEU A 568 -20.02 19.84 -16.37
C LEU A 568 -20.55 18.54 -16.96
N GLY A 569 -20.33 17.44 -16.27
CA GLY A 569 -20.80 16.15 -16.74
C GLY A 569 -22.19 15.76 -16.26
N VAL A 570 -22.58 16.25 -15.08
CA VAL A 570 -23.85 15.87 -14.48
C VAL A 570 -24.55 17.08 -13.89
N LEU A 571 -25.83 17.23 -14.21
CA LEU A 571 -26.62 18.37 -13.74
C LEU A 571 -28.01 17.95 -13.27
N ASP A 572 -28.31 18.16 -11.99
CA ASP A 572 -29.64 17.88 -11.45
C ASP A 572 -30.27 19.13 -10.83
N VAL A 573 -31.26 19.70 -11.54
CA VAL A 573 -32.11 20.78 -11.04
C VAL A 573 -33.51 20.33 -10.63
N SER A 574 -33.75 19.03 -10.65
CA SER A 574 -35.11 18.49 -10.56
C SER A 574 -35.83 18.86 -9.27
N HIS A 575 -37.16 18.78 -9.29
CA HIS A 575 -37.96 19.13 -8.12
C HIS A 575 -37.71 20.52 -7.63
N ASN A 576 -37.82 21.47 -8.54
CA ASN A 576 -37.88 22.87 -8.18
C ASN A 576 -39.06 23.54 -8.90
N GLN A 577 -39.14 24.85 -8.77
CA GLN A 577 -40.11 25.68 -9.45
C GLN A 577 -39.61 26.43 -10.68
N LEU A 578 -38.47 25.98 -11.20
CA LEU A 578 -37.85 26.57 -12.39
C LEU A 578 -38.73 26.73 -13.66
N THR A 579 -38.58 27.85 -14.36
CA THR A 579 -39.37 28.12 -15.59
C THR A 579 -38.59 28.41 -16.89
N GLY A 580 -39.35 28.64 -17.95
CA GLY A 580 -38.77 28.92 -19.26
C GLY A 580 -38.22 27.67 -19.91
N ASN A 581 -37.34 27.86 -20.90
CA ASN A 581 -36.84 26.72 -21.65
C ASN A 581 -35.42 26.30 -21.33
N LEU A 582 -34.95 25.32 -22.09
CA LEU A 582 -33.65 24.71 -21.90
C LEU A 582 -32.56 25.21 -22.85
N ASN A 583 -32.88 26.18 -23.69
CA ASN A 583 -31.99 26.58 -24.79
C ASN A 583 -30.55 26.86 -24.37
N VAL A 584 -30.39 27.40 -23.17
CA VAL A 584 -29.11 27.77 -22.61
C VAL A 584 -28.20 26.53 -22.51
N LEU A 585 -28.81 25.36 -22.44
CA LEU A 585 -28.07 24.11 -22.27
C LEU A 585 -27.73 23.36 -23.56
N THR A 586 -28.28 23.79 -24.69
CA THR A 586 -28.18 22.99 -25.94
C THR A 586 -26.74 22.80 -26.39
N ASP A 587 -25.87 23.69 -25.92
CA ASP A 587 -24.46 23.74 -26.33
C ASP A 587 -23.45 23.06 -25.42
N LEU A 588 -23.91 22.37 -24.37
CA LEU A 588 -22.93 21.69 -23.53
C LEU A 588 -22.79 20.29 -24.09
N GLN A 589 -21.66 20.06 -24.77
CA GLN A 589 -21.39 18.81 -25.45
C GLN A 589 -20.88 17.76 -24.45
N ASN A 590 -20.40 18.24 -23.31
CA ASN A 590 -19.92 17.36 -22.26
C ASN A 590 -20.98 17.03 -21.22
N LEU A 591 -22.18 17.57 -21.38
CA LEU A 591 -23.27 17.18 -20.49
C LEU A 591 -23.67 15.74 -20.77
N VAL A 592 -23.73 14.95 -19.70
CA VAL A 592 -23.98 13.52 -19.77
C VAL A 592 -25.32 13.19 -19.12
N SER A 593 -25.46 13.54 -17.85
CA SER A 593 -26.70 13.31 -17.12
C SER A 593 -27.43 14.64 -16.87
N LEU A 594 -28.70 14.71 -17.26
CA LEU A 594 -29.50 15.92 -17.05
C LEU A 594 -30.79 15.51 -16.44
N ASN A 595 -31.06 15.97 -15.22
CA ASN A 595 -32.38 15.72 -14.64
C ASN A 595 -33.14 17.04 -14.48
N ILE A 596 -34.08 17.30 -15.40
CA ILE A 596 -34.90 18.51 -15.35
C ILE A 596 -36.33 18.33 -14.84
N SER A 597 -36.66 17.13 -14.40
CA SER A 597 -38.02 16.76 -14.04
C SER A 597 -38.56 17.50 -12.82
N TYR A 598 -39.89 17.51 -12.67
CA TYR A 598 -40.62 18.19 -11.60
C TYR A 598 -40.28 19.67 -11.47
N ASN A 599 -40.37 20.36 -12.58
CA ASN A 599 -40.26 21.80 -12.62
C ASN A 599 -41.44 22.36 -13.44
N ASP A 600 -41.40 23.67 -13.66
CA ASP A 600 -42.33 24.41 -14.52
C ASP A 600 -41.79 24.75 -15.92
N PHE A 601 -40.72 24.09 -16.37
CA PHE A 601 -40.20 24.29 -17.72
C PHE A 601 -41.27 24.11 -18.85
N SER A 602 -41.17 24.92 -19.90
CA SER A 602 -42.02 24.76 -21.08
C SER A 602 -41.21 25.11 -22.31
N GLY A 603 -41.72 24.72 -23.48
CA GLY A 603 -40.98 24.96 -24.70
C GLY A 603 -40.43 23.72 -25.35
N ASP A 604 -39.97 23.90 -26.57
CA ASP A 604 -39.49 22.76 -27.33
C ASP A 604 -38.00 22.55 -27.18
N LEU A 605 -37.63 21.28 -27.09
CA LEU A 605 -36.26 20.86 -27.16
C LEU A 605 -35.95 20.58 -28.63
N PRO A 606 -34.68 20.72 -29.02
CA PRO A 606 -34.21 20.30 -30.34
C PRO A 606 -34.28 18.78 -30.45
N ASN A 607 -34.20 18.25 -31.67
CA ASN A 607 -34.21 16.80 -31.87
C ASN A 607 -32.82 16.15 -31.79
N THR A 608 -31.82 16.92 -31.36
CA THR A 608 -30.44 16.41 -31.20
C THR A 608 -30.45 15.17 -30.32
N PRO A 609 -29.43 14.30 -30.47
CA PRO A 609 -29.56 12.98 -29.83
C PRO A 609 -29.60 13.07 -28.31
N PHE A 610 -28.96 14.09 -27.75
CA PHE A 610 -28.97 14.22 -26.30
C PHE A 610 -30.33 14.55 -25.72
N PHE A 611 -31.00 15.55 -26.30
CA PHE A 611 -32.32 15.90 -25.80
C PHE A 611 -33.35 14.83 -26.15
N ARG A 612 -33.12 14.11 -27.24
CA ARG A 612 -33.96 12.97 -27.56
C ARG A 612 -33.77 11.86 -26.53
N ARG A 613 -32.57 11.81 -25.94
CA ARG A 613 -32.28 10.83 -24.88
C ARG A 613 -33.19 11.00 -23.65
N LEU A 614 -33.58 12.24 -23.33
CA LEU A 614 -34.34 12.51 -22.10
C LEU A 614 -35.66 11.75 -22.03
N PRO A 615 -35.88 11.05 -20.91
CA PRO A 615 -37.09 10.23 -20.72
C PRO A 615 -38.37 11.06 -20.81
N LEU A 616 -39.34 10.52 -21.53
CA LEU A 616 -40.60 11.20 -21.75
C LEU A 616 -41.30 11.51 -20.42
N SER A 617 -41.04 10.68 -19.42
CA SER A 617 -41.60 10.90 -18.09
C SER A 617 -40.99 12.12 -17.42
N ASP A 618 -39.75 12.47 -17.79
CA ASP A 618 -39.11 13.68 -17.29
C ASP A 618 -39.79 14.91 -17.88
N LEU A 619 -40.14 14.84 -19.16
CA LEU A 619 -40.92 15.89 -19.81
C LEU A 619 -42.34 16.00 -19.24
N ALA A 620 -42.91 14.88 -18.80
CA ALA A 620 -44.31 14.86 -18.36
C ALA A 620 -44.57 15.54 -17.00
N SER A 621 -43.49 15.71 -16.22
CA SER A 621 -43.58 16.41 -14.94
C SER A 621 -43.34 17.93 -15.04
N ASN A 622 -43.23 18.44 -16.26
CA ASN A 622 -43.10 19.87 -16.48
C ASN A 622 -44.36 20.57 -17.00
N ARG A 623 -44.24 21.85 -17.34
CA ARG A 623 -45.40 22.60 -17.79
C ARG A 623 -45.72 22.43 -19.29
N GLY A 624 -44.79 22.85 -20.13
CA GLY A 624 -44.84 22.70 -21.58
C GLY A 624 -43.78 21.99 -22.42
N LEU A 625 -42.95 21.12 -21.87
CA LEU A 625 -41.79 20.59 -22.63
C LEU A 625 -42.12 19.54 -23.70
N TYR A 626 -41.56 19.69 -24.91
CA TYR A 626 -41.79 18.66 -25.94
C TYR A 626 -40.66 18.67 -26.96
N ILE A 627 -40.46 17.55 -27.66
CA ILE A 627 -39.51 17.52 -28.77
C ILE A 627 -40.20 18.05 -30.02
N SER A 628 -39.65 19.11 -30.61
CA SER A 628 -40.16 19.57 -31.89
C SER A 628 -39.27 19.01 -32.98
N ASN A 629 -39.90 18.49 -34.04
CA ASN A 629 -39.15 17.97 -35.15
C ASN A 629 -38.80 19.07 -36.16
N ALA A 630 -37.51 19.21 -36.44
CA ALA A 630 -36.96 20.35 -37.19
C ALA A 630 -37.43 20.43 -38.66
N ASP B 1 16.90 -3.92 -12.02
CA ASP B 1 17.39 -4.67 -10.87
C ASP B 1 16.24 -5.25 -10.06
N TRP B 3 14.11 -6.55 -6.80
CA TRP B 3 13.93 -5.89 -5.52
C TRP B 3 14.54 -6.68 -4.36
N ARG B 4 15.10 -5.94 -3.40
CA ARG B 4 15.60 -6.52 -2.16
C ARG B 4 14.44 -7.11 -1.36
N ALA B 5 14.74 -8.00 -0.43
CA ALA B 5 13.71 -8.64 0.40
C ALA B 5 12.88 -7.60 1.13
N LYS B 6 11.56 -7.80 1.12
CA LYS B 6 10.60 -6.89 1.77
C LYS B 6 9.52 -7.65 2.52
N HIS B 7 8.93 -7.02 3.52
CA HIS B 7 7.74 -7.63 4.15
C HIS B 7 6.50 -7.25 3.36
N HIS B 8 5.36 -7.84 3.74
CA HIS B 8 4.06 -7.48 3.16
C HIS B 8 3.77 -6.03 3.53
N PRO B 9 3.40 -5.21 2.55
CA PRO B 9 3.10 -3.80 2.83
C PRO B 9 1.87 -3.69 3.74
N LYS B 11 -1.53 -2.08 5.22
CA LYS B 11 -2.64 -1.36 4.63
C LYS B 11 -3.48 -0.87 5.80
N ASN B 12 -3.83 0.41 5.79
CA ASN B 12 -4.71 0.95 6.81
C ASN B 12 -5.89 1.63 6.12
N ASN B 13 -6.91 1.99 6.90
CA ASN B 13 -8.10 2.60 6.33
C ASN B 13 -7.99 4.10 6.17
#